data_3KDY
#
_entry.id   3KDY
#
_cell.length_a   92.583
_cell.length_b   145.881
_cell.length_c   74.908
_cell.angle_alpha   90.00
_cell.angle_beta   90.00
_cell.angle_gamma   90.00
#
_symmetry.space_group_name_H-M   'P 21 21 2'
#
loop_
_entity.id
_entity.type
_entity.pdbx_description
1 polymer 'Histidine ammonia-lyase'
2 water water
#
_entity_poly.entity_id   1
_entity_poly.type   'polypeptide(L)'
_entity_poly.pdbx_seq_one_letter_code
;MALTQVETEIVPVSVDGETLTVEAVRRVAEERATVDVPAESIAKAQKSREIFEGIAEQNIPIYGVTTGYGAMIYMQVDKS
KEVELQTNLVRSHSAGVGPLFAEDEARAIVAARLNTLAKGHSAVRPIILERLAQYLNEGITPAIPEIGSLG(MDO)DLAP
LSHVASTLIGEGYVLRDGRPVETAQVLAERGIEPLELRFKEGLALINGTSGMTGLGSLVVGRALEQAQQAEIVTALLIEA
VRGSTSPFLAEGHDIARPHEGQIDTAANMRALMRGSGLTVEHADLRRELQKDKEAGKDVQRSEIYLQKAYSLRAIPQVVG
AVRDTLYHARHKLRIELNSANDNPLFFEGKEIFHGANFHGQPIAFAMDFVTIALTQLGVLAERQINRVLNRHLSYGLPEF
LVSGDPGLHSGFAGAQYPATALVAENRTIGPASTQSVPSNGDNQDVVSMGLISARNARRVLSNNNKILAVEYLAAAQAVD
ISGRFDGLSPAAKATYEAVRRLVPTLGVDRYMADDIELVADALSRGEFLRAIARETDIQLR
;
_entity_poly.pdbx_strand_id   A,B
#
# COMPACT_ATOMS: atom_id res chain seq x y z
N VAL A 11 -12.25 29.94 -13.70
CA VAL A 11 -11.59 29.41 -12.51
C VAL A 11 -12.40 28.27 -11.89
N PRO A 12 -13.67 28.18 -12.27
CA PRO A 12 -14.54 27.13 -11.74
C PRO A 12 -14.05 25.73 -12.14
N VAL A 13 -14.35 24.75 -11.30
CA VAL A 13 -13.98 23.37 -11.57
C VAL A 13 -15.18 22.61 -12.12
N SER A 14 -14.97 21.82 -13.16
CA SER A 14 -16.02 21.09 -13.72
C SER A 14 -16.11 19.63 -13.33
N VAL A 15 -17.30 19.29 -12.84
CA VAL A 15 -17.62 17.93 -12.45
C VAL A 15 -18.23 17.20 -13.64
N ASP A 16 -17.37 16.70 -14.53
CA ASP A 16 -17.82 16.00 -15.71
C ASP A 16 -17.77 14.49 -15.54
N GLY A 17 -17.13 14.05 -14.47
CA GLY A 17 -16.99 12.63 -14.20
C GLY A 17 -15.90 11.93 -14.97
N GLU A 18 -14.94 12.71 -15.48
CA GLU A 18 -13.84 12.15 -16.24
C GLU A 18 -12.51 12.90 -16.07
N THR A 19 -12.58 14.17 -15.71
CA THR A 19 -11.39 15.01 -15.58
C THR A 19 -11.21 15.51 -14.14
N LEU A 20 -12.26 15.40 -13.34
CA LEU A 20 -12.22 15.87 -11.95
C LEU A 20 -11.01 15.30 -11.21
N THR A 21 -10.21 16.19 -10.62
CA THR A 21 -9.01 15.76 -9.91
C THR A 21 -9.08 16.02 -8.41
N VAL A 22 -8.13 15.41 -7.69
CA VAL A 22 -8.01 15.54 -6.25
C VAL A 22 -7.91 17.02 -5.88
N GLU A 23 -6.92 17.71 -6.44
CA GLU A 23 -6.75 19.13 -6.18
C GLU A 23 -8.04 19.89 -6.40
N ALA A 24 -8.72 19.60 -7.51
CA ALA A 24 -9.98 20.24 -7.83
C ALA A 24 -10.98 20.04 -6.70
N VAL A 25 -10.99 18.83 -6.14
CA VAL A 25 -11.90 18.52 -5.05
C VAL A 25 -11.53 19.33 -3.81
N ARG A 26 -10.24 19.48 -3.56
CA ARG A 26 -9.75 20.24 -2.42
C ARG A 26 -10.15 21.70 -2.53
N ARG A 27 -9.79 22.32 -3.65
CA ARG A 27 -10.11 23.72 -3.88
C ARG A 27 -11.61 23.96 -3.88
N VAL A 28 -12.37 22.93 -4.24
CA VAL A 28 -13.83 23.04 -4.26
C VAL A 28 -14.41 22.93 -2.85
N ALA A 29 -13.94 21.95 -2.09
CA ALA A 29 -14.41 21.74 -0.73
C ALA A 29 -13.74 22.71 0.24
N GLU A 30 -12.49 23.06 -0.04
CA GLU A 30 -11.73 23.98 0.79
C GLU A 30 -11.96 25.43 0.38
N GLU A 31 -11.43 25.80 -0.78
CA GLU A 31 -11.54 27.17 -1.28
C GLU A 31 -12.94 27.63 -1.70
N ARG A 32 -13.93 26.78 -1.48
CA ARG A 32 -15.31 27.11 -1.81
C ARG A 32 -15.37 27.36 -3.32
N ALA A 33 -14.49 26.71 -4.06
CA ALA A 33 -14.47 26.86 -5.51
C ALA A 33 -15.82 26.53 -6.13
N THR A 34 -16.07 27.05 -7.33
CA THR A 34 -17.32 26.82 -8.03
C THR A 34 -17.24 25.57 -8.89
N VAL A 35 -18.34 24.83 -8.95
CA VAL A 35 -18.39 23.62 -9.75
C VAL A 35 -19.28 23.69 -10.99
N ASP A 36 -18.71 23.34 -12.15
CA ASP A 36 -19.45 23.36 -13.40
C ASP A 36 -19.59 21.97 -14.02
N VAL A 37 -20.81 21.62 -14.37
CA VAL A 37 -21.09 20.34 -15.03
C VAL A 37 -21.36 20.55 -16.51
N PRO A 38 -20.33 20.37 -17.33
CA PRO A 38 -20.43 20.59 -18.77
C PRO A 38 -21.70 19.99 -19.38
N ALA A 39 -22.50 20.83 -20.03
CA ALA A 39 -23.73 20.38 -20.67
C ALA A 39 -23.57 19.01 -21.32
N GLU A 40 -22.35 18.67 -21.72
CA GLU A 40 -22.07 17.38 -22.31
C GLU A 40 -22.49 16.27 -21.34
N SER A 41 -22.00 16.36 -20.11
CA SER A 41 -22.37 15.43 -19.06
C SER A 41 -23.86 15.51 -18.77
N ILE A 42 -24.41 16.72 -18.83
CA ILE A 42 -25.83 16.93 -18.59
C ILE A 42 -26.66 16.17 -19.61
N ALA A 43 -26.32 16.32 -20.89
CA ALA A 43 -27.03 15.66 -21.97
C ALA A 43 -26.83 14.16 -21.91
N LYS A 44 -25.68 13.74 -21.37
CA LYS A 44 -25.39 12.33 -21.23
C LYS A 44 -26.33 11.75 -20.20
N ALA A 45 -26.46 12.45 -19.07
CA ALA A 45 -27.36 12.04 -18.00
C ALA A 45 -28.77 12.03 -18.55
N GLN A 46 -29.02 12.92 -19.51
CA GLN A 46 -30.32 12.97 -20.16
C GLN A 46 -30.46 11.75 -21.05
N LYS A 47 -29.50 11.56 -21.96
CA LYS A 47 -29.52 10.42 -22.80
C LYS A 47 -29.91 9.24 -21.89
N SER A 48 -29.13 8.99 -20.86
CA SER A 48 -29.46 7.94 -19.90
C SER A 48 -30.88 8.10 -19.32
N ARG A 49 -31.07 9.15 -18.54
CA ARG A 49 -32.33 9.44 -17.86
C ARG A 49 -33.52 9.30 -18.81
N GLU A 50 -33.27 9.25 -20.11
CA GLU A 50 -34.34 9.12 -21.09
C GLU A 50 -34.72 7.68 -21.41
N ILE A 51 -33.70 6.89 -21.74
CA ILE A 51 -33.90 5.48 -22.05
C ILE A 51 -34.31 4.70 -20.82
N PHE A 52 -33.54 4.86 -19.75
CA PHE A 52 -33.78 4.13 -18.51
C PHE A 52 -35.22 4.24 -18.05
N GLU A 53 -35.66 5.46 -17.74
CA GLU A 53 -37.02 5.68 -17.26
C GLU A 53 -38.02 4.85 -18.06
N GLY A 54 -37.73 4.66 -19.34
CA GLY A 54 -38.60 3.88 -20.21
C GLY A 54 -38.58 2.42 -19.79
N ILE A 55 -37.40 1.93 -19.46
CA ILE A 55 -37.24 0.55 -19.02
C ILE A 55 -38.02 0.30 -17.74
N ALA A 56 -37.92 1.24 -16.81
CA ALA A 56 -38.62 1.13 -15.54
C ALA A 56 -40.12 1.17 -15.74
N GLU A 57 -40.55 1.76 -16.85
CA GLU A 57 -41.96 1.84 -17.18
C GLU A 57 -42.51 0.46 -17.51
N GLN A 58 -41.70 -0.35 -18.18
CA GLN A 58 -42.10 -1.70 -18.52
C GLN A 58 -42.30 -2.53 -17.27
N ASN A 59 -41.97 -1.95 -16.12
CA ASN A 59 -42.12 -2.62 -14.84
C ASN A 59 -41.29 -3.90 -14.76
N ILE A 60 -40.08 -3.87 -15.32
CA ILE A 60 -39.20 -5.02 -15.29
C ILE A 60 -38.26 -4.96 -14.10
N PRO A 61 -38.00 -6.13 -13.50
CA PRO A 61 -37.11 -6.22 -12.34
C PRO A 61 -35.88 -5.33 -12.47
N ILE A 62 -35.54 -4.64 -11.39
CA ILE A 62 -34.38 -3.76 -11.36
C ILE A 62 -34.03 -3.44 -9.91
N TYR A 63 -32.86 -3.89 -9.47
CA TYR A 63 -32.43 -3.67 -8.10
C TYR A 63 -32.58 -2.22 -7.66
N GLY A 64 -33.24 -2.02 -6.53
CA GLY A 64 -33.45 -0.69 -5.98
C GLY A 64 -34.59 0.05 -6.65
N VAL A 65 -34.71 -0.12 -7.95
CA VAL A 65 -35.77 0.54 -8.72
C VAL A 65 -37.12 -0.16 -8.57
N THR A 66 -37.12 -1.48 -8.78
CA THR A 66 -38.35 -2.26 -8.66
C THR A 66 -38.13 -3.50 -7.80
N THR A 67 -37.29 -3.37 -6.78
CA THR A 67 -37.00 -4.48 -5.89
C THR A 67 -36.50 -3.98 -4.55
N GLY A 68 -36.40 -4.89 -3.58
CA GLY A 68 -35.91 -4.54 -2.26
C GLY A 68 -34.42 -4.24 -2.30
N TYR A 69 -33.85 -3.92 -1.13
CA TYR A 69 -32.43 -3.61 -1.05
C TYR A 69 -31.68 -4.63 -0.21
N GLY A 70 -30.51 -5.03 -0.69
CA GLY A 70 -29.69 -6.01 0.00
C GLY A 70 -30.31 -7.39 -0.04
N ALA A 71 -30.52 -7.98 1.13
CA ALA A 71 -31.11 -9.31 1.22
C ALA A 71 -32.58 -9.29 0.82
N MET A 72 -33.15 -8.09 0.74
CA MET A 72 -34.55 -7.94 0.37
C MET A 72 -34.74 -7.93 -1.14
N ILE A 73 -33.67 -8.20 -1.87
CA ILE A 73 -33.71 -8.22 -3.33
C ILE A 73 -34.80 -9.15 -3.83
N TYR A 74 -35.16 -10.13 -3.01
CA TYR A 74 -36.20 -11.09 -3.38
C TYR A 74 -37.57 -10.43 -3.41
N MET A 75 -37.70 -9.29 -2.77
CA MET A 75 -38.96 -8.56 -2.76
C MET A 75 -39.03 -7.70 -4.01
N GLN A 76 -40.18 -7.72 -4.67
CA GLN A 76 -40.37 -6.95 -5.89
C GLN A 76 -41.36 -5.81 -5.71
N VAL A 77 -40.91 -4.58 -5.92
CA VAL A 77 -41.76 -3.41 -5.74
C VAL A 77 -42.42 -2.89 -7.02
N ASP A 78 -43.73 -3.00 -7.08
CA ASP A 78 -44.44 -2.51 -8.26
C ASP A 78 -44.20 -1.02 -8.49
N LYS A 79 -43.99 -0.66 -9.75
CA LYS A 79 -43.69 0.72 -10.12
C LYS A 79 -44.53 1.81 -9.44
N SER A 80 -45.78 1.49 -9.13
CA SER A 80 -46.70 2.44 -8.52
C SER A 80 -46.12 3.06 -7.24
N LYS A 81 -44.93 2.64 -6.85
CA LYS A 81 -44.31 3.15 -5.62
C LYS A 81 -42.91 3.70 -5.87
N GLU A 82 -42.60 4.01 -7.12
CA GLU A 82 -41.29 4.53 -7.49
C GLU A 82 -40.84 5.56 -6.45
N VAL A 83 -41.73 6.48 -6.10
CA VAL A 83 -41.39 7.56 -5.17
C VAL A 83 -41.13 7.07 -3.75
N GLU A 84 -42.09 6.35 -3.19
CA GLU A 84 -41.96 5.85 -1.82
C GLU A 84 -40.68 5.06 -1.62
N LEU A 85 -40.53 3.99 -2.40
CA LEU A 85 -39.36 3.12 -2.30
C LEU A 85 -38.07 3.92 -2.14
N GLN A 86 -37.82 4.82 -3.08
CA GLN A 86 -36.60 5.63 -3.04
C GLN A 86 -36.53 6.53 -1.82
N THR A 87 -37.70 6.79 -1.21
CA THR A 87 -37.76 7.65 -0.04
C THR A 87 -37.47 6.87 1.25
N ASN A 88 -38.09 5.71 1.39
CA ASN A 88 -37.88 4.87 2.56
C ASN A 88 -36.42 4.47 2.71
N LEU A 89 -35.79 4.16 1.59
CA LEU A 89 -34.39 3.75 1.59
C LEU A 89 -33.48 4.82 2.20
N VAL A 90 -33.59 6.04 1.70
CA VAL A 90 -32.76 7.14 2.16
C VAL A 90 -32.98 7.45 3.64
N ARG A 91 -34.23 7.31 4.10
CA ARG A 91 -34.58 7.59 5.48
C ARG A 91 -34.08 6.50 6.42
N SER A 92 -34.54 5.27 6.20
CA SER A 92 -34.17 4.14 7.03
C SER A 92 -32.67 3.92 7.08
N HIS A 93 -31.98 4.28 6.00
CA HIS A 93 -30.53 4.10 5.92
C HIS A 93 -29.77 5.31 6.43
N SER A 94 -30.50 6.28 6.98
CA SER A 94 -29.88 7.46 7.54
C SER A 94 -29.55 7.20 9.01
N ALA A 95 -28.81 6.12 9.25
CA ALA A 95 -28.45 5.73 10.60
C ALA A 95 -27.00 6.09 10.92
N GLY A 96 -26.57 7.26 10.46
CA GLY A 96 -25.22 7.72 10.71
C GLY A 96 -25.03 8.16 12.14
N VAL A 97 -23.93 7.73 12.75
CA VAL A 97 -23.63 8.07 14.13
C VAL A 97 -22.24 8.66 14.27
N GLY A 98 -21.93 9.17 15.47
CA GLY A 98 -20.63 9.75 15.72
C GLY A 98 -20.60 11.24 15.41
N PRO A 99 -19.41 11.82 15.35
CA PRO A 99 -19.25 13.24 15.07
C PRO A 99 -19.63 13.58 13.63
N LEU A 100 -19.92 14.85 13.39
CA LEU A 100 -20.26 15.31 12.05
C LEU A 100 -19.00 15.75 11.31
N PHE A 101 -18.90 15.38 10.05
CA PHE A 101 -17.76 15.75 9.23
C PHE A 101 -17.65 17.27 9.13
N ALA A 102 -16.44 17.76 8.89
CA ALA A 102 -16.24 19.20 8.74
C ALA A 102 -16.82 19.65 7.40
N GLU A 103 -17.01 20.96 7.26
CA GLU A 103 -17.56 21.54 6.06
C GLU A 103 -16.79 21.11 4.81
N ASP A 104 -15.47 21.23 4.85
CA ASP A 104 -14.64 20.85 3.72
C ASP A 104 -14.73 19.35 3.44
N GLU A 105 -14.69 18.54 4.49
CA GLU A 105 -14.83 17.10 4.37
C GLU A 105 -16.12 16.75 3.67
N ALA A 106 -17.23 17.28 4.17
CA ALA A 106 -18.54 17.02 3.59
C ALA A 106 -18.58 17.48 2.13
N ARG A 107 -18.23 18.74 1.89
CA ARG A 107 -18.23 19.29 0.54
C ARG A 107 -17.40 18.41 -0.38
N ALA A 108 -16.29 17.91 0.13
CA ALA A 108 -15.42 17.03 -0.64
C ALA A 108 -16.14 15.75 -1.04
N ILE A 109 -17.06 15.33 -0.19
CA ILE A 109 -17.83 14.12 -0.44
C ILE A 109 -18.97 14.39 -1.42
N VAL A 110 -19.74 15.45 -1.15
CA VAL A 110 -20.86 15.82 -2.00
C VAL A 110 -20.41 16.00 -3.44
N ALA A 111 -19.19 16.50 -3.62
CA ALA A 111 -18.62 16.68 -4.96
C ALA A 111 -18.38 15.32 -5.60
N ALA A 112 -17.65 14.47 -4.89
CA ALA A 112 -17.33 13.13 -5.37
C ALA A 112 -18.59 12.42 -5.90
N ARG A 113 -19.71 12.63 -5.21
CA ARG A 113 -20.96 12.02 -5.60
C ARG A 113 -21.52 12.64 -6.87
N LEU A 114 -21.33 13.95 -7.01
CA LEU A 114 -21.79 14.67 -8.18
C LEU A 114 -20.98 14.24 -9.40
N ASN A 115 -19.65 14.23 -9.24
CA ASN A 115 -18.76 13.84 -10.32
C ASN A 115 -19.06 12.42 -10.81
N THR A 116 -19.52 11.58 -9.90
CA THR A 116 -19.86 10.20 -10.23
C THR A 116 -21.10 10.17 -11.10
N LEU A 117 -22.16 10.81 -10.63
CA LEU A 117 -23.42 10.87 -11.36
C LEU A 117 -23.22 11.57 -12.70
N ALA A 118 -22.21 12.42 -12.77
CA ALA A 118 -21.91 13.15 -13.99
C ALA A 118 -21.40 12.19 -15.07
N LYS A 119 -20.85 11.07 -14.65
CA LYS A 119 -20.35 10.07 -15.59
C LYS A 119 -21.44 9.72 -16.60
N GLY A 120 -22.68 9.71 -16.15
CA GLY A 120 -23.80 9.44 -17.03
C GLY A 120 -24.24 7.99 -17.11
N HIS A 121 -23.98 7.23 -16.07
CA HIS A 121 -24.36 5.81 -16.05
C HIS A 121 -25.27 5.49 -14.87
N SER A 122 -25.57 6.50 -14.06
CA SER A 122 -26.40 6.31 -12.88
C SER A 122 -27.89 6.44 -13.21
N ALA A 123 -28.19 6.82 -14.45
CA ALA A 123 -29.57 6.95 -14.90
C ALA A 123 -30.42 7.82 -14.00
N VAL A 124 -29.83 8.87 -13.45
CA VAL A 124 -30.55 9.79 -12.58
C VAL A 124 -30.96 11.04 -13.35
N ARG A 125 -32.02 11.70 -12.90
CA ARG A 125 -32.47 12.94 -13.53
C ARG A 125 -31.39 14.00 -13.44
N PRO A 126 -31.22 14.77 -14.51
CA PRO A 126 -30.21 15.83 -14.54
C PRO A 126 -30.37 16.81 -13.39
N ILE A 127 -31.60 16.98 -12.92
CA ILE A 127 -31.87 17.89 -11.81
C ILE A 127 -31.09 17.45 -10.58
N ILE A 128 -30.75 16.17 -10.53
CA ILE A 128 -29.98 15.60 -9.42
C ILE A 128 -28.59 16.22 -9.41
N LEU A 129 -27.96 16.24 -10.58
CA LEU A 129 -26.62 16.82 -10.70
C LEU A 129 -26.67 18.33 -10.54
N GLU A 130 -27.81 18.92 -10.93
CA GLU A 130 -28.00 20.35 -10.81
C GLU A 130 -28.24 20.75 -9.35
N ARG A 131 -28.94 19.89 -8.63
CA ARG A 131 -29.24 20.14 -7.22
C ARG A 131 -27.99 19.99 -6.37
N LEU A 132 -27.15 19.01 -6.72
CA LEU A 132 -25.92 18.78 -6.00
C LEU A 132 -24.89 19.86 -6.34
N ALA A 133 -24.73 20.12 -7.63
CA ALA A 133 -23.79 21.14 -8.09
C ALA A 133 -24.13 22.50 -7.50
N GLN A 134 -25.41 22.71 -7.21
CA GLN A 134 -25.88 23.96 -6.64
C GLN A 134 -25.42 24.06 -5.18
N TYR A 135 -25.88 23.12 -4.36
CA TYR A 135 -25.54 23.08 -2.95
C TYR A 135 -24.10 23.51 -2.72
N LEU A 136 -23.17 22.92 -3.47
CA LEU A 136 -21.76 23.22 -3.34
C LEU A 136 -21.44 24.66 -3.67
N ASN A 137 -22.16 25.24 -4.63
CA ASN A 137 -21.93 26.61 -5.05
C ASN A 137 -22.67 27.62 -4.19
N GLU A 138 -23.64 27.15 -3.41
CA GLU A 138 -24.44 28.04 -2.58
C GLU A 138 -24.23 27.82 -1.08
N GLY A 139 -23.04 27.36 -0.70
CA GLY A 139 -22.71 27.13 0.69
C GLY A 139 -23.69 26.34 1.53
N ILE A 140 -24.36 25.37 0.91
CA ILE A 140 -25.30 24.52 1.62
C ILE A 140 -24.70 23.14 1.85
N THR A 141 -24.08 22.95 3.02
CA THR A 141 -23.44 21.68 3.36
C THR A 141 -24.31 20.80 4.25
N PRO A 142 -24.40 19.52 3.90
CA PRO A 142 -25.22 18.57 4.66
C PRO A 142 -24.52 18.13 5.95
N ALA A 143 -25.29 17.61 6.90
CA ALA A 143 -24.75 17.12 8.15
C ALA A 143 -24.43 15.64 8.03
N ILE A 144 -23.15 15.33 7.80
CA ILE A 144 -22.73 13.95 7.62
C ILE A 144 -22.05 13.37 8.86
N PRO A 145 -22.69 12.37 9.46
CA PRO A 145 -22.10 11.70 10.62
C PRO A 145 -20.95 10.82 10.13
N GLU A 146 -19.83 10.88 10.83
CA GLU A 146 -18.61 10.17 10.43
C GLU A 146 -18.68 8.65 10.41
N ILE A 147 -19.46 8.06 11.31
CA ILE A 147 -19.53 6.60 11.41
C ILE A 147 -20.84 6.00 10.93
N GLY A 148 -20.74 4.81 10.34
CA GLY A 148 -21.91 4.10 9.83
C GLY A 148 -21.66 3.40 8.52
N SER A 149 -20.67 3.87 7.78
CA SER A 149 -20.34 3.31 6.47
C SER A 149 -19.49 2.05 6.56
N LEU A 150 -19.79 1.07 5.71
CA LEU A 150 -19.03 -0.16 5.65
C LEU A 150 -18.19 -0.17 4.38
N GLY A 151 -18.29 0.89 3.60
CA GLY A 151 -17.56 1.00 2.35
C GLY A 151 -18.03 0.09 1.43
N ASP A 153 -20.64 3.54 1.01
CA ASP A 153 -20.83 4.39 2.19
C ASP A 153 -22.30 4.79 2.24
N LEU A 154 -23.16 3.81 2.50
CA LEU A 154 -24.61 4.03 2.54
C LEU A 154 -25.03 5.13 3.52
N ALA A 155 -24.85 4.87 4.81
CA ALA A 155 -25.26 5.82 5.85
C ALA A 155 -24.79 7.25 5.56
N PRO A 156 -23.48 7.45 5.54
CA PRO A 156 -22.90 8.77 5.29
C PRO A 156 -23.53 9.47 4.09
N LEU A 157 -23.71 8.74 2.99
CA LEU A 157 -24.32 9.30 1.79
C LEU A 157 -25.84 9.36 1.91
N SER A 158 -26.39 8.58 2.84
CA SER A 158 -27.82 8.58 3.07
C SER A 158 -28.25 9.90 3.72
N HIS A 159 -27.31 10.53 4.42
CA HIS A 159 -27.57 11.80 5.08
C HIS A 159 -27.52 12.94 4.06
N VAL A 160 -26.56 12.85 3.14
CA VAL A 160 -26.41 13.85 2.10
C VAL A 160 -27.61 13.79 1.15
N ALA A 161 -28.16 12.60 0.99
CA ALA A 161 -29.32 12.41 0.14
C ALA A 161 -30.59 12.87 0.84
N SER A 162 -30.54 12.87 2.17
CA SER A 162 -31.68 13.29 2.97
C SER A 162 -31.95 14.78 2.81
N THR A 163 -30.87 15.56 2.78
CA THR A 163 -30.99 17.01 2.64
C THR A 163 -31.57 17.41 1.29
N LEU A 164 -31.33 16.59 0.28
CA LEU A 164 -31.84 16.86 -1.06
C LEU A 164 -33.35 16.73 -1.13
N ILE A 165 -33.89 15.83 -0.31
CA ILE A 165 -35.33 15.61 -0.25
C ILE A 165 -35.92 16.48 0.84
N GLY A 166 -35.20 17.55 1.17
CA GLY A 166 -35.61 18.48 2.20
C GLY A 166 -35.66 17.87 3.58
N GLU A 167 -34.91 16.78 3.79
CA GLU A 167 -34.91 16.11 5.07
C GLU A 167 -33.52 16.10 5.72
N GLY A 168 -33.43 15.54 6.91
CA GLY A 168 -32.18 15.47 7.63
C GLY A 168 -31.73 16.82 8.13
N TYR A 169 -30.44 16.95 8.41
CA TYR A 169 -29.88 18.20 8.90
C TYR A 169 -28.77 18.72 7.99
N VAL A 170 -28.57 20.02 8.02
CA VAL A 170 -27.52 20.66 7.24
C VAL A 170 -26.50 21.25 8.21
N LEU A 171 -25.24 21.31 7.78
CA LEU A 171 -24.17 21.82 8.63
C LEU A 171 -24.23 23.33 8.78
N ARG A 172 -24.41 23.79 10.01
CA ARG A 172 -24.48 25.23 10.30
C ARG A 172 -23.59 25.61 11.48
N ASP A 173 -22.59 26.43 11.21
CA ASP A 173 -21.67 26.88 12.25
C ASP A 173 -21.32 25.75 13.21
N GLY A 174 -20.91 24.61 12.66
CA GLY A 174 -20.52 23.47 13.46
C GLY A 174 -21.65 22.56 13.88
N ARG A 175 -22.85 23.13 14.01
CA ARG A 175 -24.01 22.34 14.43
C ARG A 175 -24.96 22.05 13.26
N PRO A 176 -25.85 21.10 13.47
CA PRO A 176 -26.83 20.74 12.45
C PRO A 176 -28.14 21.47 12.64
N VAL A 177 -28.95 21.57 11.58
CA VAL A 177 -30.24 22.24 11.64
C VAL A 177 -31.19 21.70 10.59
N GLU A 178 -32.40 21.35 11.01
CA GLU A 178 -33.41 20.82 10.10
C GLU A 178 -33.27 21.43 8.72
N THR A 179 -33.15 20.57 7.71
CA THR A 179 -33.00 21.02 6.33
C THR A 179 -34.21 21.81 5.86
N ALA A 180 -35.37 21.53 6.44
CA ALA A 180 -36.60 22.21 6.06
C ALA A 180 -36.51 23.73 6.27
N GLN A 181 -35.86 24.13 7.35
CA GLN A 181 -35.70 25.53 7.69
C GLN A 181 -34.72 26.23 6.73
N VAL A 182 -33.57 25.59 6.50
CA VAL A 182 -32.54 26.16 5.65
C VAL A 182 -32.98 26.33 4.20
N LEU A 183 -33.66 25.32 3.67
CA LEU A 183 -34.13 25.38 2.28
C LEU A 183 -34.98 26.61 2.05
N ALA A 184 -36.14 26.67 2.70
CA ALA A 184 -37.03 27.81 2.56
C ALA A 184 -36.30 29.09 2.95
N GLU A 185 -35.20 28.93 3.67
CA GLU A 185 -34.39 30.06 4.11
C GLU A 185 -33.36 30.43 3.03
N ARG A 186 -33.55 29.88 1.84
CA ARG A 186 -32.64 30.14 0.73
C ARG A 186 -33.39 30.32 -0.57
N GLY A 187 -34.66 29.92 -0.58
CA GLY A 187 -35.49 30.03 -1.76
C GLY A 187 -35.65 28.72 -2.51
N ILE A 188 -35.26 27.62 -1.88
CA ILE A 188 -35.35 26.31 -2.51
C ILE A 188 -36.42 25.43 -1.87
N GLU A 189 -36.97 24.51 -2.66
CA GLU A 189 -37.98 23.59 -2.19
C GLU A 189 -37.54 22.14 -2.39
N PRO A 190 -37.74 21.32 -1.37
CA PRO A 190 -37.34 19.91 -1.43
C PRO A 190 -37.62 19.27 -2.79
N LEU A 191 -36.88 18.23 -3.10
CA LEU A 191 -37.04 17.52 -4.37
C LEU A 191 -37.80 16.22 -4.16
N GLU A 192 -38.16 15.58 -5.27
CA GLU A 192 -38.85 14.30 -5.22
C GLU A 192 -37.99 13.24 -5.89
N LEU A 193 -37.77 12.13 -5.20
CA LEU A 193 -36.94 11.05 -5.73
C LEU A 193 -37.69 10.10 -6.65
N ARG A 194 -37.25 10.04 -7.90
CA ARG A 194 -37.86 9.15 -8.88
C ARG A 194 -37.17 7.80 -8.84
N PHE A 195 -37.44 6.94 -9.81
CA PHE A 195 -36.86 5.61 -9.81
C PHE A 195 -35.34 5.72 -9.85
N LYS A 196 -34.69 4.92 -9.02
CA LYS A 196 -33.24 4.84 -8.97
C LYS A 196 -32.57 6.11 -8.46
N GLU A 197 -33.38 7.08 -8.04
CA GLU A 197 -32.84 8.34 -7.54
C GLU A 197 -32.21 8.34 -6.16
N GLY A 198 -32.82 7.56 -5.27
CA GLY A 198 -32.32 7.44 -3.91
C GLY A 198 -31.19 6.45 -3.78
N LEU A 199 -31.25 5.38 -4.56
CA LEU A 199 -30.22 4.35 -4.53
C LEU A 199 -28.94 4.82 -5.19
N ALA A 200 -29.08 5.63 -6.24
CA ALA A 200 -27.94 6.14 -6.97
C ALA A 200 -27.18 7.18 -6.16
N LEU A 201 -27.89 7.86 -5.27
CA LEU A 201 -27.30 8.91 -4.44
C LEU A 201 -26.49 8.35 -3.27
N ILE A 202 -26.90 7.18 -2.76
CA ILE A 202 -26.25 6.59 -1.61
C ILE A 202 -25.45 5.34 -1.91
N ASN A 203 -25.60 4.81 -3.12
CA ASN A 203 -24.92 3.59 -3.51
C ASN A 203 -23.57 3.84 -4.17
N GLY A 204 -22.61 4.32 -3.40
CA GLY A 204 -21.28 4.60 -3.91
C GLY A 204 -20.21 4.75 -2.85
N THR A 205 -19.00 5.04 -3.29
CA THR A 205 -17.86 5.20 -2.40
C THR A 205 -17.44 6.66 -2.31
N SER A 206 -18.43 7.56 -2.26
CA SER A 206 -18.15 8.99 -2.20
C SER A 206 -17.53 9.40 -0.88
N GLY A 207 -17.95 8.73 0.20
CA GLY A 207 -17.42 9.03 1.51
C GLY A 207 -15.91 8.87 1.59
N MET A 208 -15.43 7.66 1.34
CA MET A 208 -14.00 7.36 1.40
C MET A 208 -13.21 8.07 0.30
N THR A 209 -13.83 8.20 -0.87
CA THR A 209 -13.18 8.84 -2.01
C THR A 209 -13.03 10.34 -1.77
N GLY A 210 -14.10 10.97 -1.31
CA GLY A 210 -14.10 12.39 -1.03
C GLY A 210 -13.18 12.71 0.14
N LEU A 211 -13.26 11.90 1.20
CA LEU A 211 -12.44 12.11 2.37
C LEU A 211 -10.98 11.82 2.05
N GLY A 212 -10.73 10.72 1.34
CA GLY A 212 -9.39 10.35 0.96
C GLY A 212 -8.74 11.40 0.09
N SER A 213 -9.51 11.98 -0.82
CA SER A 213 -9.00 13.01 -1.71
C SER A 213 -8.33 14.13 -0.92
N LEU A 214 -9.04 14.68 0.05
CA LEU A 214 -8.49 15.74 0.90
C LEU A 214 -7.24 15.27 1.62
N VAL A 215 -7.33 14.09 2.23
CA VAL A 215 -6.23 13.51 2.98
C VAL A 215 -4.99 13.38 2.12
N VAL A 216 -5.11 12.63 1.03
CA VAL A 216 -3.99 12.42 0.13
C VAL A 216 -3.42 13.74 -0.36
N GLY A 217 -4.31 14.68 -0.67
CA GLY A 217 -3.89 15.99 -1.12
C GLY A 217 -3.10 16.72 -0.05
N ARG A 218 -3.59 16.66 1.18
CA ARG A 218 -2.93 17.29 2.30
C ARG A 218 -1.67 16.52 2.68
N ALA A 219 -1.69 15.22 2.43
CA ALA A 219 -0.55 14.36 2.72
C ALA A 219 0.65 14.77 1.89
N LEU A 220 0.40 15.04 0.61
CA LEU A 220 1.46 15.44 -0.31
C LEU A 220 2.17 16.70 0.17
N GLU A 221 1.40 17.64 0.71
CA GLU A 221 1.97 18.87 1.23
C GLU A 221 2.80 18.57 2.47
N GLN A 222 2.28 17.68 3.31
CA GLN A 222 2.99 17.28 4.52
C GLN A 222 4.38 16.78 4.15
N ALA A 223 4.43 15.93 3.12
CA ALA A 223 5.69 15.40 2.64
C ALA A 223 6.59 16.56 2.21
N GLN A 224 5.99 17.54 1.55
CA GLN A 224 6.71 18.71 1.09
C GLN A 224 7.16 19.55 2.28
N GLN A 225 6.30 19.67 3.28
CA GLN A 225 6.62 20.43 4.47
C GLN A 225 7.55 19.63 5.39
N ALA A 226 7.49 18.31 5.29
CA ALA A 226 8.39 17.47 6.05
C ALA A 226 9.80 17.67 5.51
N GLU A 227 9.89 17.74 4.18
CA GLU A 227 11.16 17.95 3.50
C GLU A 227 11.68 19.37 3.75
N ILE A 228 10.76 20.32 3.83
CA ILE A 228 11.11 21.72 4.05
C ILE A 228 11.90 21.89 5.35
N VAL A 229 11.29 21.52 6.47
CA VAL A 229 11.94 21.65 7.77
C VAL A 229 13.16 20.74 7.87
N THR A 230 13.08 19.57 7.25
CA THR A 230 14.19 18.63 7.27
C THR A 230 15.44 19.30 6.71
N ALA A 231 15.25 20.11 5.69
CA ALA A 231 16.35 20.83 5.06
C ALA A 231 16.91 21.89 6.01
N LEU A 232 16.01 22.59 6.69
CA LEU A 232 16.43 23.61 7.64
C LEU A 232 17.29 23.00 8.74
N LEU A 233 16.85 21.84 9.24
CA LEU A 233 17.57 21.14 10.28
C LEU A 233 18.95 20.72 9.81
N ILE A 234 19.00 20.05 8.66
CA ILE A 234 20.26 19.56 8.10
C ILE A 234 21.26 20.70 7.97
N GLU A 235 20.79 21.87 7.56
CA GLU A 235 21.64 23.04 7.41
C GLU A 235 22.06 23.56 8.78
N ALA A 236 21.09 23.75 9.65
CA ALA A 236 21.34 24.26 11.00
C ALA A 236 22.25 23.34 11.79
N VAL A 237 22.42 22.11 11.32
CA VAL A 237 23.27 21.14 11.99
C VAL A 237 24.57 20.90 11.22
N ARG A 238 24.67 21.55 10.05
CA ARG A 238 25.86 21.44 9.21
C ARG A 238 26.04 20.05 8.62
N GLY A 239 24.94 19.44 8.17
CA GLY A 239 24.98 18.11 7.60
C GLY A 239 25.66 18.06 6.24
N SER A 240 25.75 16.86 5.68
CA SER A 240 26.37 16.67 4.37
C SER A 240 25.32 16.62 3.27
N THR A 241 25.74 16.91 2.04
CA THR A 241 24.83 16.92 0.90
C THR A 241 24.90 15.63 0.10
N SER A 242 26.03 14.93 0.19
CA SER A 242 26.24 13.69 -0.55
C SER A 242 24.95 12.87 -0.66
N PRO A 243 24.29 12.63 0.46
CA PRO A 243 23.09 11.81 0.52
C PRO A 243 22.03 12.20 -0.51
N PHE A 244 21.95 13.48 -0.86
CA PHE A 244 20.93 13.96 -1.78
C PHE A 244 21.41 14.10 -3.22
N LEU A 245 22.65 13.72 -3.47
CA LEU A 245 23.21 13.77 -4.81
C LEU A 245 22.29 13.06 -5.80
N ALA A 246 22.28 13.51 -7.04
CA ALA A 246 21.43 12.94 -8.07
C ALA A 246 21.81 11.50 -8.43
N GLU A 247 23.10 11.23 -8.54
CA GLU A 247 23.57 9.90 -8.92
C GLU A 247 23.09 8.81 -7.95
N GLY A 248 23.01 9.16 -6.67
CA GLY A 248 22.59 8.22 -5.66
C GLY A 248 21.17 7.72 -5.87
N HIS A 249 20.44 8.39 -6.74
CA HIS A 249 19.06 8.00 -7.02
C HIS A 249 18.65 7.70 -8.45
N ASP A 250 18.71 8.70 -9.31
CA ASP A 250 18.32 8.54 -10.71
C ASP A 250 19.14 7.43 -11.35
N ILE A 251 20.28 7.11 -10.77
CA ILE A 251 21.16 6.09 -11.31
C ILE A 251 21.20 4.81 -10.47
N ALA A 252 21.55 4.97 -9.19
CA ALA A 252 21.68 3.83 -8.29
C ALA A 252 20.34 3.22 -7.85
N ARG A 253 19.39 4.08 -7.49
CA ARG A 253 18.07 3.65 -7.03
C ARG A 253 17.03 4.61 -7.56
N PRO A 254 16.57 4.36 -8.78
CA PRO A 254 15.61 5.24 -9.45
C PRO A 254 14.17 5.14 -8.96
N HIS A 255 13.95 5.24 -7.66
CA HIS A 255 12.59 5.21 -7.12
C HIS A 255 11.96 6.59 -7.29
N GLU A 256 10.83 6.64 -7.97
CA GLU A 256 10.14 7.90 -8.24
C GLU A 256 10.17 8.89 -7.08
N GLY A 257 9.57 8.51 -5.96
CA GLY A 257 9.53 9.35 -4.78
C GLY A 257 10.91 9.66 -4.26
N GLN A 258 11.79 8.66 -4.28
CA GLN A 258 13.16 8.83 -3.81
C GLN A 258 13.87 9.89 -4.64
N ILE A 259 13.60 9.90 -5.95
CA ILE A 259 14.19 10.87 -6.85
C ILE A 259 13.59 12.24 -6.59
N ASP A 260 12.27 12.28 -6.42
CA ASP A 260 11.56 13.52 -6.17
C ASP A 260 12.01 14.18 -4.88
N THR A 261 12.25 13.37 -3.85
CA THR A 261 12.70 13.87 -2.56
C THR A 261 14.12 14.39 -2.66
N ALA A 262 15.00 13.60 -3.25
CA ALA A 262 16.39 13.98 -3.42
C ALA A 262 16.64 15.25 -4.24
N ALA A 263 15.66 15.57 -5.08
CA ALA A 263 15.69 16.76 -5.90
C ALA A 263 15.14 17.94 -5.08
N ASN A 264 14.16 17.67 -4.21
CA ASN A 264 13.59 18.72 -3.39
C ASN A 264 14.56 19.20 -2.30
N MET A 265 15.35 18.29 -1.76
CA MET A 265 16.30 18.62 -0.71
C MET A 265 17.44 19.48 -1.24
N ARG A 266 17.84 19.23 -2.49
CA ARG A 266 18.91 19.98 -3.12
C ARG A 266 18.51 21.43 -3.37
N ALA A 267 17.27 21.62 -3.80
CA ALA A 267 16.75 22.95 -4.07
C ALA A 267 16.50 23.73 -2.79
N LEU A 268 16.29 23.00 -1.70
CA LEU A 268 16.00 23.62 -0.41
C LEU A 268 17.28 24.12 0.27
N MET A 269 18.34 23.33 0.19
CA MET A 269 19.61 23.70 0.79
C MET A 269 20.54 24.30 -0.25
N ARG A 270 19.98 24.62 -1.41
CA ARG A 270 20.74 25.20 -2.52
C ARG A 270 21.44 26.48 -2.10
N GLY A 271 22.76 26.49 -2.21
CA GLY A 271 23.56 27.66 -1.87
C GLY A 271 23.51 27.99 -0.38
N SER A 272 23.89 27.03 0.45
CA SER A 272 23.92 27.25 1.89
C SER A 272 25.35 27.39 2.38
N GLY A 273 25.56 28.23 3.39
CA GLY A 273 26.87 28.44 3.94
C GLY A 273 27.17 27.50 5.10
N LEU A 274 26.11 26.91 5.64
CA LEU A 274 26.23 26.00 6.77
C LEU A 274 26.45 24.56 6.31
N THR A 275 26.02 24.26 5.09
CA THR A 275 26.17 22.92 4.53
C THR A 275 27.62 22.62 4.18
N VAL A 276 27.94 21.34 4.01
CA VAL A 276 29.30 20.96 3.67
C VAL A 276 29.32 19.85 2.63
N GLU A 277 30.27 19.94 1.70
CA GLU A 277 30.42 18.94 0.66
C GLU A 277 31.30 17.80 1.16
N HIS A 278 31.05 16.60 0.65
CA HIS A 278 31.81 15.43 1.05
C HIS A 278 33.30 15.65 0.87
N ALA A 279 33.69 16.08 -0.33
CA ALA A 279 35.09 16.33 -0.64
C ALA A 279 35.79 17.06 0.49
N ASP A 280 35.15 18.11 1.00
CA ASP A 280 35.71 18.90 2.08
C ASP A 280 35.71 18.15 3.40
N LEU A 281 34.69 17.33 3.61
CA LEU A 281 34.57 16.54 4.83
C LEU A 281 35.73 15.55 4.82
N ARG A 282 35.89 14.91 3.68
CA ARG A 282 36.94 13.93 3.44
C ARG A 282 38.32 14.56 3.62
N ARG A 283 38.43 15.82 3.22
CA ARG A 283 39.70 16.54 3.30
C ARG A 283 40.00 16.99 4.72
N GLU A 284 38.96 17.34 5.46
CA GLU A 284 39.11 17.77 6.85
C GLU A 284 39.52 16.59 7.72
N LEU A 285 38.76 15.51 7.61
CA LEU A 285 39.03 14.30 8.36
C LEU A 285 40.46 13.83 8.12
N GLN A 286 40.83 13.73 6.85
CA GLN A 286 42.18 13.30 6.47
C GLN A 286 43.24 14.07 7.23
N LYS A 287 43.09 15.40 7.26
CA LYS A 287 44.05 16.25 7.95
C LYS A 287 44.11 15.94 9.44
N ASP A 288 43.00 15.45 9.99
CA ASP A 288 42.90 15.14 11.41
C ASP A 288 43.54 13.80 11.75
N LYS A 289 43.92 13.04 10.72
CA LYS A 289 44.52 11.73 10.92
C LYS A 289 46.04 11.76 10.99
N GLU A 290 46.59 11.22 12.08
CA GLU A 290 48.04 11.16 12.26
C GLU A 290 48.61 9.95 11.52
N ALA A 291 49.80 10.11 10.96
CA ALA A 291 50.45 9.06 10.20
C ALA A 291 50.62 7.77 11.00
N GLY A 292 50.52 6.63 10.32
CA GLY A 292 50.68 5.35 10.97
C GLY A 292 49.79 4.26 10.38
N LYS A 293 49.89 3.07 10.96
CA LYS A 293 49.09 1.94 10.52
C LYS A 293 48.20 1.46 11.67
N ASP A 294 47.44 2.38 12.25
CA ASP A 294 46.62 2.09 13.41
C ASP A 294 45.20 2.63 13.25
N VAL A 295 44.44 2.59 14.33
CA VAL A 295 43.08 3.11 14.35
C VAL A 295 43.03 4.39 15.16
N GLN A 296 42.37 5.41 14.63
CA GLN A 296 42.29 6.70 15.30
C GLN A 296 40.87 7.12 15.64
N ARG A 297 40.74 7.97 16.66
CA ARG A 297 39.44 8.48 17.08
C ARG A 297 39.29 9.94 16.66
N SER A 298 38.25 10.22 15.88
CA SER A 298 38.01 11.59 15.42
C SER A 298 36.65 12.09 15.88
N GLU A 299 36.47 13.41 15.84
CA GLU A 299 35.22 14.03 16.22
C GLU A 299 34.38 14.37 14.99
N ILE A 300 34.97 14.16 13.81
CA ILE A 300 34.31 14.45 12.55
C ILE A 300 33.54 13.25 12.02
N TYR A 301 32.32 13.48 11.56
CA TYR A 301 31.48 12.41 11.04
C TYR A 301 31.35 12.49 9.52
N LEU A 302 31.97 11.55 8.82
CA LEU A 302 31.90 11.51 7.37
C LEU A 302 30.45 11.35 6.93
N GLN A 303 29.65 10.71 7.79
CA GLN A 303 28.25 10.46 7.49
C GLN A 303 27.40 10.77 8.71
N LYS A 304 26.33 11.54 8.51
CA LYS A 304 25.41 11.86 9.59
C LYS A 304 24.44 10.71 9.81
N ALA A 305 23.83 10.66 10.98
CA ALA A 305 22.90 9.56 11.31
C ALA A 305 21.81 9.38 10.27
N TYR A 306 21.12 8.25 10.34
CA TYR A 306 20.05 7.96 9.39
C TYR A 306 19.00 9.05 9.26
N SER A 307 18.58 9.61 10.39
CA SER A 307 17.55 10.65 10.38
C SER A 307 17.95 11.89 9.59
N LEU A 308 19.22 11.95 9.19
CA LEU A 308 19.72 13.09 8.44
C LEU A 308 20.33 12.71 7.09
N ARG A 309 20.35 11.41 6.80
CA ARG A 309 20.95 10.94 5.57
C ARG A 309 20.03 10.04 4.74
N ALA A 310 18.99 9.52 5.37
CA ALA A 310 18.07 8.60 4.69
C ALA A 310 16.73 9.24 4.36
N ILE A 311 16.71 10.55 4.17
CA ILE A 311 15.47 11.25 3.87
C ILE A 311 14.90 10.82 2.52
N PRO A 312 15.72 10.91 1.48
CA PRO A 312 15.29 10.54 0.12
C PRO A 312 14.67 9.16 0.05
N GLN A 313 15.21 8.20 0.81
CA GLN A 313 14.71 6.84 0.81
C GLN A 313 13.38 6.69 1.57
N VAL A 314 13.35 7.18 2.79
CA VAL A 314 12.16 7.10 3.63
C VAL A 314 11.03 7.98 3.11
N VAL A 315 11.28 9.28 3.01
CA VAL A 315 10.28 10.22 2.52
C VAL A 315 9.81 9.85 1.12
N GLY A 316 10.73 9.30 0.33
CA GLY A 316 10.41 8.89 -1.03
C GLY A 316 9.43 7.73 -1.02
N ALA A 317 9.68 6.75 -0.17
CA ALA A 317 8.81 5.59 -0.04
C ALA A 317 7.39 6.07 0.25
N VAL A 318 7.28 7.11 1.09
CA VAL A 318 6.00 7.68 1.42
C VAL A 318 5.37 8.31 0.18
N ARG A 319 6.18 9.07 -0.56
CA ARG A 319 5.73 9.73 -1.77
C ARG A 319 5.13 8.71 -2.75
N ASP A 320 5.84 7.61 -2.95
CA ASP A 320 5.38 6.55 -3.86
C ASP A 320 4.02 5.99 -3.43
N THR A 321 3.78 5.97 -2.13
CA THR A 321 2.53 5.45 -1.57
C THR A 321 1.40 6.45 -1.78
N LEU A 322 1.73 7.74 -1.65
CA LEU A 322 0.77 8.83 -1.85
C LEU A 322 0.47 8.99 -3.34
N TYR A 323 1.46 8.71 -4.16
CA TYR A 323 1.30 8.77 -5.61
C TYR A 323 0.27 7.73 -6.04
N HIS A 324 0.47 6.49 -5.61
CA HIS A 324 -0.43 5.40 -5.92
C HIS A 324 -1.83 5.68 -5.39
N ALA A 325 -1.90 6.22 -4.18
CA ALA A 325 -3.18 6.55 -3.56
C ALA A 325 -3.90 7.64 -4.35
N ARG A 326 -3.15 8.62 -4.83
CA ARG A 326 -3.72 9.70 -5.62
C ARG A 326 -4.21 9.16 -6.95
N HIS A 327 -3.52 8.13 -7.45
CA HIS A 327 -3.88 7.50 -8.71
C HIS A 327 -5.23 6.80 -8.61
N LYS A 328 -5.36 5.89 -7.65
CA LYS A 328 -6.60 5.14 -7.48
C LYS A 328 -7.77 6.08 -7.25
N LEU A 329 -7.51 7.17 -6.52
CA LEU A 329 -8.53 8.17 -6.23
C LEU A 329 -9.00 8.88 -7.49
N ARG A 330 -8.04 9.30 -8.31
CA ARG A 330 -8.36 9.98 -9.56
C ARG A 330 -9.22 9.09 -10.45
N ILE A 331 -9.00 7.79 -10.36
CA ILE A 331 -9.79 6.83 -11.11
C ILE A 331 -11.18 6.72 -10.50
N GLU A 332 -11.21 6.56 -9.18
CA GLU A 332 -12.47 6.45 -8.45
C GLU A 332 -13.30 7.72 -8.58
N LEU A 333 -12.63 8.87 -8.47
CA LEU A 333 -13.31 10.15 -8.57
C LEU A 333 -14.08 10.22 -9.89
N ASN A 334 -13.47 9.72 -10.95
CA ASN A 334 -14.09 9.73 -12.26
C ASN A 334 -14.59 8.36 -12.69
N SER A 335 -15.15 7.61 -11.74
CA SER A 335 -15.68 6.29 -12.05
C SER A 335 -17.16 6.29 -11.74
N ALA A 336 -17.90 5.36 -12.31
CA ALA A 336 -19.32 5.25 -12.06
C ALA A 336 -19.56 4.33 -10.87
N ASN A 337 -19.00 4.69 -9.71
CA ASN A 337 -19.18 3.89 -8.51
C ASN A 337 -20.63 3.90 -8.03
N ASP A 338 -21.48 3.24 -8.80
CA ASP A 338 -22.91 3.15 -8.50
C ASP A 338 -23.41 1.78 -8.94
N ASN A 339 -24.70 1.53 -8.76
CA ASN A 339 -25.30 0.26 -9.14
C ASN A 339 -26.81 0.24 -8.93
N PRO A 340 -27.54 -0.27 -9.93
CA PRO A 340 -26.94 -0.78 -11.16
C PRO A 340 -26.49 0.33 -12.10
N LEU A 341 -25.92 -0.03 -13.24
CA LEU A 341 -25.43 0.93 -14.20
C LEU A 341 -26.19 0.87 -15.54
N PHE A 342 -26.35 2.03 -16.17
CA PHE A 342 -27.08 2.11 -17.43
C PHE A 342 -26.21 2.55 -18.59
N PHE A 343 -26.15 1.72 -19.62
CA PHE A 343 -25.46 2.04 -20.86
C PHE A 343 -26.49 1.91 -21.94
N GLU A 344 -26.25 2.54 -23.09
CA GLU A 344 -27.15 2.41 -24.22
C GLU A 344 -26.78 1.21 -25.10
N GLY A 345 -27.80 0.50 -25.55
CA GLY A 345 -27.66 -0.69 -26.38
C GLY A 345 -27.29 -1.91 -25.56
N LYS A 346 -27.12 -1.73 -24.25
CA LYS A 346 -26.76 -2.81 -23.37
C LYS A 346 -27.81 -3.04 -22.29
N GLU A 347 -27.69 -4.15 -21.58
CA GLU A 347 -28.60 -4.46 -20.48
C GLU A 347 -28.15 -3.72 -19.22
N ILE A 348 -29.04 -3.62 -18.24
CA ILE A 348 -28.72 -2.93 -17.00
C ILE A 348 -27.64 -3.68 -16.22
N PHE A 349 -26.41 -3.19 -16.30
CA PHE A 349 -25.29 -3.82 -15.62
C PHE A 349 -25.51 -3.89 -14.11
N HIS A 350 -25.62 -5.11 -13.59
CA HIS A 350 -25.79 -5.33 -12.17
C HIS A 350 -24.47 -5.84 -11.59
N GLY A 351 -23.67 -4.93 -11.06
CA GLY A 351 -22.37 -5.29 -10.51
C GLY A 351 -22.17 -4.85 -9.07
N ALA A 352 -20.95 -4.46 -8.75
CA ALA A 352 -20.61 -4.05 -7.39
C ALA A 352 -19.54 -2.97 -7.37
N ASN A 353 -19.74 -1.91 -8.13
CA ASN A 353 -18.78 -0.81 -8.18
C ASN A 353 -18.92 0.11 -6.97
N PHE A 354 -19.87 -0.22 -6.10
CA PHE A 354 -20.08 0.53 -4.88
C PHE A 354 -19.07 0.05 -3.84
N HIS A 355 -18.37 -1.03 -4.18
CA HIS A 355 -17.36 -1.60 -3.30
C HIS A 355 -16.08 -0.77 -3.31
N GLY A 356 -15.88 0.02 -2.26
CA GLY A 356 -14.73 0.89 -2.16
C GLY A 356 -13.45 0.20 -1.72
N GLN A 357 -13.24 -1.02 -2.18
CA GLN A 357 -12.05 -1.77 -1.84
C GLN A 357 -10.79 -1.10 -2.38
N PRO A 358 -10.88 -0.55 -3.59
CA PRO A 358 -9.74 0.12 -4.22
C PRO A 358 -9.22 1.27 -3.37
N ILE A 359 -10.13 1.98 -2.72
CA ILE A 359 -9.75 3.12 -1.89
C ILE A 359 -9.41 2.66 -0.48
N ALA A 360 -10.10 1.60 -0.03
CA ALA A 360 -9.84 1.05 1.30
C ALA A 360 -8.38 0.70 1.45
N PHE A 361 -7.84 -0.02 0.48
CA PHE A 361 -6.44 -0.40 0.48
C PHE A 361 -5.58 0.85 0.35
N ALA A 362 -5.97 1.73 -0.56
CA ALA A 362 -5.23 2.97 -0.81
C ALA A 362 -5.02 3.78 0.46
N MET A 363 -6.10 3.99 1.22
CA MET A 363 -6.03 4.79 2.44
C MET A 363 -5.29 4.09 3.57
N ASP A 364 -5.48 2.78 3.69
CA ASP A 364 -4.78 2.01 4.71
C ASP A 364 -3.28 2.12 4.45
N PHE A 365 -2.91 2.17 3.17
CA PHE A 365 -1.52 2.28 2.78
C PHE A 365 -0.98 3.67 3.12
N VAL A 366 -1.84 4.67 2.98
CA VAL A 366 -1.47 6.04 3.31
C VAL A 366 -1.21 6.16 4.79
N THR A 367 -2.10 5.57 5.59
CA THR A 367 -1.97 5.58 7.04
C THR A 367 -0.61 5.06 7.47
N ILE A 368 -0.20 3.93 6.90
CA ILE A 368 1.08 3.33 7.22
C ILE A 368 2.25 4.21 6.78
N ALA A 369 2.15 4.75 5.56
CA ALA A 369 3.20 5.59 5.00
C ALA A 369 3.41 6.86 5.83
N LEU A 370 2.31 7.57 6.08
CA LEU A 370 2.37 8.81 6.85
C LEU A 370 2.85 8.55 8.27
N THR A 371 2.66 7.33 8.75
CA THR A 371 3.08 6.96 10.10
C THR A 371 4.60 6.90 10.17
N GLN A 372 5.22 6.30 9.15
CA GLN A 372 6.67 6.21 9.10
C GLN A 372 7.26 7.60 8.91
N LEU A 373 6.49 8.49 8.29
CA LEU A 373 6.93 9.86 8.08
C LEU A 373 7.03 10.58 9.42
N GLY A 374 6.09 10.28 10.31
CA GLY A 374 6.11 10.85 11.65
C GLY A 374 7.25 10.31 12.45
N VAL A 375 7.56 9.03 12.23
CA VAL A 375 8.67 8.38 12.93
C VAL A 375 9.98 9.09 12.60
N LEU A 376 10.17 9.40 11.32
CA LEU A 376 11.37 10.07 10.86
C LEU A 376 11.48 11.47 11.47
N ALA A 377 10.40 12.24 11.36
CA ALA A 377 10.35 13.60 11.88
C ALA A 377 10.68 13.62 13.38
N GLU A 378 10.05 12.73 14.13
CA GLU A 378 10.24 12.65 15.57
C GLU A 378 11.68 12.36 15.94
N ARG A 379 12.28 11.38 15.27
CA ARG A 379 13.67 11.02 15.54
C ARG A 379 14.59 12.20 15.21
N GLN A 380 14.12 13.07 14.32
CA GLN A 380 14.88 14.26 13.97
C GLN A 380 14.88 15.23 15.13
N ILE A 381 13.71 15.39 15.76
CA ILE A 381 13.56 16.26 16.92
C ILE A 381 14.42 15.75 18.06
N ASN A 382 14.57 14.42 18.13
CA ASN A 382 15.38 13.79 19.16
C ASN A 382 16.86 13.99 18.86
N ARG A 383 17.20 13.93 17.58
CA ARG A 383 18.58 14.08 17.14
C ARG A 383 19.13 15.46 17.48
N VAL A 384 18.29 16.47 17.40
CA VAL A 384 18.71 17.85 17.65
C VAL A 384 18.67 18.22 19.14
N LEU A 385 17.85 17.52 19.90
CA LEU A 385 17.70 17.79 21.32
C LEU A 385 18.70 17.04 22.19
N ASN A 386 19.33 16.01 21.64
CA ASN A 386 20.32 15.22 22.38
C ASN A 386 21.74 15.72 22.15
N ARG A 387 22.29 16.36 23.16
CA ARG A 387 23.63 16.95 23.07
C ARG A 387 24.66 16.03 22.41
N HIS A 388 24.47 14.72 22.54
CA HIS A 388 25.40 13.76 21.96
C HIS A 388 25.12 13.57 20.47
N LEU A 389 23.87 13.72 20.08
CA LEU A 389 23.47 13.57 18.69
C LEU A 389 23.22 14.93 18.06
N SER A 390 23.28 15.97 18.89
CA SER A 390 23.06 17.34 18.42
C SER A 390 24.20 17.82 17.53
N TYR A 391 25.38 17.25 17.75
CA TYR A 391 26.56 17.63 16.97
C TYR A 391 27.12 18.97 17.45
N GLY A 392 26.95 19.24 18.74
CA GLY A 392 27.45 20.49 19.31
C GLY A 392 26.39 21.31 20.00
N LEU A 393 25.17 21.29 19.46
CA LEU A 393 24.07 22.05 20.04
C LEU A 393 23.92 21.75 21.51
N PRO A 394 23.56 22.76 22.30
CA PRO A 394 23.41 22.60 23.74
C PRO A 394 22.25 21.68 24.13
N GLU A 395 22.29 21.15 25.34
CA GLU A 395 21.26 20.25 25.83
C GLU A 395 19.85 20.78 25.61
N PHE A 396 19.06 20.02 24.86
CA PHE A 396 17.68 20.37 24.58
C PHE A 396 17.52 21.83 24.15
N LEU A 397 18.52 22.35 23.45
CA LEU A 397 18.48 23.71 22.94
C LEU A 397 18.15 24.74 24.02
N VAL A 398 18.81 24.64 25.17
CA VAL A 398 18.59 25.57 26.27
C VAL A 398 19.39 26.85 26.04
N SER A 399 18.69 27.97 25.93
CA SER A 399 19.35 29.25 25.69
C SER A 399 20.31 29.61 26.83
N GLY A 400 19.78 29.65 28.05
CA GLY A 400 20.57 30.01 29.21
C GLY A 400 21.22 28.84 29.91
N ASP A 401 21.10 28.81 31.23
CA ASP A 401 21.68 27.74 32.03
C ASP A 401 20.79 26.51 32.05
N PRO A 402 21.38 25.36 31.76
CA PRO A 402 20.63 24.09 31.77
C PRO A 402 20.29 23.66 33.19
N GLY A 403 19.49 22.60 33.33
CA GLY A 403 19.08 22.14 34.64
C GLY A 403 18.04 23.11 35.16
N LEU A 404 18.41 24.38 35.23
CA LEU A 404 17.51 25.42 35.67
C LEU A 404 16.39 25.57 34.64
N HIS A 405 16.77 25.53 33.37
CA HIS A 405 15.81 25.61 32.28
C HIS A 405 15.86 24.32 31.47
N SER A 406 14.69 23.80 31.14
CA SER A 406 14.59 22.54 30.39
C SER A 406 14.67 22.76 28.88
N GLY A 407 14.22 23.92 28.43
CA GLY A 407 14.23 24.23 27.02
C GLY A 407 13.12 23.52 26.27
N PHE A 408 13.50 22.61 25.37
CA PHE A 408 12.53 21.88 24.57
C PHE A 408 12.30 20.46 25.11
N ALA A 409 12.91 20.16 26.24
CA ALA A 409 12.80 18.84 26.85
C ALA A 409 11.36 18.36 26.98
N GLY A 410 10.49 19.24 27.47
CA GLY A 410 9.08 18.90 27.66
C GLY A 410 8.30 18.95 26.36
N ALA A 411 8.85 19.62 25.35
CA ALA A 411 8.19 19.75 24.07
C ALA A 411 8.24 18.46 23.26
N GLN A 412 9.36 17.76 23.33
CA GLN A 412 9.56 16.53 22.59
C GLN A 412 8.61 15.40 22.99
N TYR A 413 7.98 15.54 24.15
CA TYR A 413 7.11 14.48 24.66
C TYR A 413 5.86 14.22 23.82
N PRO A 414 5.16 15.28 23.45
CA PRO A 414 3.95 15.14 22.63
C PRO A 414 4.26 14.53 21.28
N ALA A 415 5.44 14.82 20.73
CA ALA A 415 5.86 14.28 19.45
C ALA A 415 6.15 12.79 19.56
N THR A 416 6.86 12.41 20.62
CA THR A 416 7.19 11.01 20.86
C THR A 416 5.92 10.23 21.13
N ALA A 417 5.02 10.82 21.91
CA ALA A 417 3.75 10.19 22.25
C ALA A 417 2.91 9.96 21.02
N LEU A 418 2.92 10.93 20.10
CA LEU A 418 2.12 10.84 18.88
C LEU A 418 2.60 9.71 17.98
N VAL A 419 3.91 9.45 17.97
CA VAL A 419 4.44 8.37 17.16
C VAL A 419 3.85 7.04 17.61
N ALA A 420 3.69 6.89 18.93
CA ALA A 420 3.14 5.67 19.51
C ALA A 420 1.64 5.55 19.25
N GLU A 421 0.93 6.67 19.40
CA GLU A 421 -0.51 6.69 19.18
C GLU A 421 -0.81 6.34 17.73
N ASN A 422 0.01 6.84 16.82
CA ASN A 422 -0.13 6.57 15.40
C ASN A 422 0.03 5.09 15.11
N ARG A 423 0.96 4.45 15.81
CA ARG A 423 1.24 3.03 15.62
C ARG A 423 0.10 2.15 16.13
N THR A 424 -0.81 2.73 16.89
CA THR A 424 -1.95 1.98 17.42
C THR A 424 -3.09 1.90 16.42
N ILE A 425 -3.00 2.66 15.34
CA ILE A 425 -4.01 2.65 14.30
C ILE A 425 -3.72 1.55 13.28
N GLY A 426 -4.56 0.52 13.27
CA GLY A 426 -4.35 -0.60 12.36
C GLY A 426 -5.18 -0.55 11.10
N PRO A 427 -4.75 -1.28 10.08
CA PRO A 427 -5.49 -1.35 8.82
C PRO A 427 -6.95 -1.74 9.05
N ALA A 428 -7.86 -1.10 8.32
CA ALA A 428 -9.29 -1.37 8.48
C ALA A 428 -9.89 -2.02 7.23
N SER A 429 -9.18 -1.92 6.12
CA SER A 429 -9.65 -2.47 4.85
C SER A 429 -9.78 -3.99 4.87
N THR A 430 -9.25 -4.61 5.92
CA THR A 430 -9.31 -6.06 6.05
C THR A 430 -10.20 -6.50 7.21
N GLN A 431 -10.95 -5.55 7.77
CA GLN A 431 -11.78 -5.84 8.92
C GLN A 431 -13.26 -5.97 8.56
N SER A 432 -13.54 -6.50 7.38
CA SER A 432 -14.91 -6.67 6.92
C SER A 432 -15.72 -7.54 7.89
N VAL A 433 -16.95 -7.13 8.15
CA VAL A 433 -17.86 -7.88 9.00
C VAL A 433 -19.17 -8.10 8.23
N PRO A 434 -19.58 -9.35 8.12
CA PRO A 434 -20.80 -9.69 7.39
C PRO A 434 -22.06 -9.14 8.04
N SER A 435 -23.06 -8.80 7.22
CA SER A 435 -24.31 -8.26 7.71
C SER A 435 -25.38 -8.27 6.62
N ASN A 436 -26.60 -7.88 6.99
CA ASN A 436 -27.71 -7.84 6.05
C ASN A 436 -28.03 -9.21 5.47
N GLY A 437 -28.28 -10.18 6.33
CA GLY A 437 -28.59 -11.53 5.90
C GLY A 437 -27.47 -12.12 5.06
N ASP A 438 -26.25 -11.73 5.38
CA ASP A 438 -25.07 -12.22 4.66
C ASP A 438 -25.00 -11.65 3.24
N ASN A 439 -25.95 -10.78 2.90
CA ASN A 439 -25.96 -10.14 1.59
C ASN A 439 -24.69 -9.32 1.41
N GLN A 440 -24.22 -8.73 2.49
CA GLN A 440 -22.97 -7.99 2.49
C GLN A 440 -21.91 -8.78 3.25
N ASP A 441 -21.56 -9.94 2.73
CA ASP A 441 -20.59 -10.82 3.40
C ASP A 441 -19.17 -10.27 3.35
N VAL A 442 -18.91 -9.37 2.41
CA VAL A 442 -17.58 -8.79 2.28
C VAL A 442 -17.64 -7.28 1.99
N VAL A 443 -17.23 -6.49 2.96
CA VAL A 443 -17.20 -5.03 2.80
C VAL A 443 -15.75 -4.54 2.83
N SER A 444 -15.56 -3.23 2.79
CA SER A 444 -14.21 -2.67 2.75
C SER A 444 -13.84 -1.75 3.91
N MET A 445 -14.84 -1.26 4.63
CA MET A 445 -14.59 -0.32 5.72
C MET A 445 -13.67 0.79 5.24
N GLY A 446 -13.83 1.18 3.98
CA GLY A 446 -13.00 2.20 3.37
C GLY A 446 -13.04 3.54 4.10
N LEU A 447 -14.22 3.94 4.53
CA LEU A 447 -14.39 5.22 5.23
C LEU A 447 -13.55 5.25 6.51
N ILE A 448 -13.46 4.10 7.18
CA ILE A 448 -12.65 3.99 8.37
C ILE A 448 -11.17 4.16 8.03
N SER A 449 -10.77 3.55 6.92
CA SER A 449 -9.39 3.65 6.45
C SER A 449 -9.02 5.11 6.19
N ALA A 450 -9.93 5.82 5.52
CA ALA A 450 -9.71 7.22 5.18
C ALA A 450 -9.56 8.07 6.44
N ARG A 451 -10.37 7.81 7.46
CA ARG A 451 -10.30 8.56 8.71
C ARG A 451 -8.97 8.29 9.40
N ASN A 452 -8.54 7.03 9.34
CA ASN A 452 -7.28 6.61 9.94
C ASN A 452 -6.15 7.47 9.44
N ALA A 453 -6.11 7.68 8.12
CA ALA A 453 -5.08 8.51 7.50
C ALA A 453 -5.26 9.97 7.89
N ARG A 454 -6.51 10.39 8.03
CA ARG A 454 -6.83 11.75 8.43
C ARG A 454 -6.30 12.04 9.83
N ARG A 455 -6.30 11.03 10.68
CA ARG A 455 -5.84 11.17 12.05
C ARG A 455 -4.31 11.26 12.13
N VAL A 456 -3.64 10.33 11.48
CA VAL A 456 -2.18 10.32 11.45
C VAL A 456 -1.67 11.58 10.79
N LEU A 457 -2.41 12.07 9.80
CA LEU A 457 -2.03 13.28 9.09
C LEU A 457 -2.11 14.48 10.02
N SER A 458 -3.20 14.56 10.78
CA SER A 458 -3.38 15.63 11.75
C SER A 458 -2.33 15.54 12.84
N ASN A 459 -2.05 14.31 13.30
CA ASN A 459 -1.06 14.07 14.32
C ASN A 459 0.34 14.48 13.86
N ASN A 460 0.63 14.24 12.59
CA ASN A 460 1.93 14.58 12.01
C ASN A 460 2.18 16.08 11.99
N ASN A 461 1.11 16.86 11.90
CA ASN A 461 1.23 18.31 11.89
C ASN A 461 1.80 18.82 13.20
N LYS A 462 1.41 18.16 14.29
CA LYS A 462 1.89 18.52 15.62
C LYS A 462 3.34 18.08 15.78
N ILE A 463 3.67 16.93 15.19
CA ILE A 463 5.04 16.42 15.25
C ILE A 463 5.97 17.39 14.55
N LEU A 464 5.62 17.75 13.31
CA LEU A 464 6.42 18.69 12.53
C LEU A 464 6.43 20.06 13.20
N ALA A 465 5.35 20.37 13.91
CA ALA A 465 5.26 21.65 14.61
C ALA A 465 6.37 21.78 15.64
N VAL A 466 6.62 20.70 16.38
CA VAL A 466 7.68 20.69 17.36
C VAL A 466 9.04 20.69 16.67
N GLU A 467 9.09 20.08 15.49
CA GLU A 467 10.32 20.02 14.72
C GLU A 467 10.66 21.40 14.16
N TYR A 468 9.65 22.11 13.69
CA TYR A 468 9.83 23.44 13.14
C TYR A 468 10.36 24.39 14.22
N LEU A 469 9.70 24.38 15.37
CA LEU A 469 10.08 25.23 16.49
C LEU A 469 11.50 24.89 16.94
N ALA A 470 11.76 23.61 17.15
CA ALA A 470 13.08 23.15 17.58
C ALA A 470 14.14 23.58 16.58
N ALA A 471 13.83 23.43 15.30
CA ALA A 471 14.75 23.78 14.23
C ALA A 471 15.09 25.27 14.26
N ALA A 472 14.05 26.10 14.34
CA ALA A 472 14.25 27.55 14.38
C ALA A 472 15.11 27.92 15.58
N GLN A 473 14.89 27.22 16.69
CA GLN A 473 15.64 27.48 17.92
C GLN A 473 17.10 27.09 17.76
N ALA A 474 17.36 25.98 17.06
CA ALA A 474 18.71 25.52 16.84
C ALA A 474 19.45 26.58 16.05
N VAL A 475 18.73 27.24 15.14
CA VAL A 475 19.31 28.28 14.31
C VAL A 475 19.87 29.43 15.14
N ASP A 476 19.01 30.14 15.85
CA ASP A 476 19.43 31.29 16.65
C ASP A 476 20.03 30.87 17.98
N ILE A 477 20.44 29.60 18.08
CA ILE A 477 21.08 29.10 19.29
C ILE A 477 22.57 28.94 19.03
N SER A 478 22.93 28.84 17.75
CA SER A 478 24.33 28.70 17.35
C SER A 478 24.74 29.85 16.44
N GLY A 479 23.83 30.79 16.24
CA GLY A 479 24.10 31.94 15.40
C GLY A 479 24.50 31.55 13.99
N ARG A 480 23.67 30.72 13.35
CA ARG A 480 23.95 30.26 12.01
C ARG A 480 22.95 30.78 10.99
N PHE A 481 22.17 31.79 11.37
CA PHE A 481 21.17 32.35 10.48
C PHE A 481 21.80 32.91 9.21
N ASP A 482 22.90 33.64 9.36
CA ASP A 482 23.60 34.23 8.22
C ASP A 482 24.09 33.17 7.25
N GLY A 483 24.37 31.98 7.77
CA GLY A 483 24.85 30.88 6.95
C GLY A 483 23.70 30.19 6.23
N LEU A 484 22.50 30.33 6.75
CA LEU A 484 21.32 29.71 6.16
C LEU A 484 21.18 30.10 4.70
N SER A 485 20.60 29.22 3.91
CA SER A 485 20.36 29.48 2.49
C SER A 485 19.06 30.22 2.33
N PRO A 486 18.76 30.53 1.08
CA PRO A 486 17.59 31.31 0.70
C PRO A 486 16.31 30.66 1.19
N ALA A 487 16.23 29.33 1.11
CA ALA A 487 15.01 28.63 1.48
C ALA A 487 14.91 28.49 2.99
N ALA A 488 16.01 28.09 3.61
CA ALA A 488 16.03 27.96 5.07
C ALA A 488 15.60 29.28 5.70
N LYS A 489 16.19 30.36 5.24
CA LYS A 489 15.85 31.69 5.75
C LYS A 489 14.35 31.91 5.68
N ALA A 490 13.76 31.57 4.55
CA ALA A 490 12.32 31.71 4.36
C ALA A 490 11.58 30.87 5.39
N THR A 491 12.03 29.63 5.58
CA THR A 491 11.43 28.73 6.56
C THR A 491 11.59 29.31 7.96
N TYR A 492 12.83 29.60 8.33
CA TYR A 492 13.11 30.19 9.64
C TYR A 492 12.26 31.43 9.91
N GLU A 493 12.14 32.28 8.89
CA GLU A 493 11.36 33.50 8.99
C GLU A 493 9.91 33.17 9.32
N ALA A 494 9.33 32.23 8.59
CA ALA A 494 7.95 31.82 8.82
C ALA A 494 7.65 31.40 10.26
N VAL A 495 8.65 30.83 10.92
CA VAL A 495 8.49 30.37 12.30
C VAL A 495 8.42 31.53 13.28
N ARG A 496 9.39 32.43 13.23
CA ARG A 496 9.44 33.56 14.14
C ARG A 496 8.21 34.45 14.00
N ARG A 497 7.69 34.56 12.78
CA ARG A 497 6.51 35.38 12.53
C ARG A 497 5.33 34.94 13.39
N LEU A 498 5.38 33.70 13.86
CA LEU A 498 4.31 33.16 14.69
C LEU A 498 4.77 32.95 16.13
N VAL A 499 6.01 32.47 16.29
CA VAL A 499 6.55 32.21 17.60
C VAL A 499 7.97 32.73 17.76
N PRO A 500 8.23 33.46 18.85
CA PRO A 500 9.56 34.00 19.12
C PRO A 500 10.52 32.89 19.54
N THR A 501 11.81 33.18 19.52
CA THR A 501 12.81 32.21 19.93
C THR A 501 12.65 31.94 21.42
N LEU A 502 12.95 30.72 21.84
CA LEU A 502 12.84 30.34 23.24
C LEU A 502 13.99 30.90 24.07
N GLY A 503 13.71 31.94 24.85
CA GLY A 503 14.71 32.53 25.70
C GLY A 503 14.81 31.80 27.03
N VAL A 504 13.66 31.60 27.66
CA VAL A 504 13.60 30.89 28.94
C VAL A 504 12.34 30.04 29.02
N ASP A 505 12.36 29.02 29.85
CA ASP A 505 11.22 28.12 30.01
C ASP A 505 9.91 28.90 30.02
N ARG A 506 8.94 28.41 29.26
CA ARG A 506 7.63 29.05 29.20
C ARG A 506 6.60 28.15 28.54
N TYR A 507 5.33 28.44 28.76
CA TYR A 507 4.24 27.69 28.16
C TYR A 507 4.61 27.35 26.72
N MET A 508 4.39 26.10 26.32
CA MET A 508 4.74 25.65 24.98
C MET A 508 3.50 25.26 24.17
N ALA A 509 2.45 24.84 24.86
CA ALA A 509 1.23 24.39 24.21
C ALA A 509 0.81 25.28 23.04
N ASP A 510 0.67 26.59 23.30
CA ASP A 510 0.25 27.53 22.28
C ASP A 510 1.16 27.55 21.06
N ASP A 511 2.46 27.71 21.29
CA ASP A 511 3.42 27.75 20.21
C ASP A 511 3.32 26.53 19.32
N ILE A 512 3.13 25.36 19.95
CA ILE A 512 3.03 24.10 19.22
C ILE A 512 1.77 24.05 18.37
N GLU A 513 0.63 24.30 19.01
CA GLU A 513 -0.66 24.27 18.33
C GLU A 513 -0.73 25.33 17.24
N LEU A 514 0.07 26.39 17.40
CA LEU A 514 0.10 27.49 16.46
C LEU A 514 0.84 27.10 15.18
N VAL A 515 2.02 26.48 15.36
CA VAL A 515 2.82 26.04 14.23
C VAL A 515 2.15 24.88 13.51
N ALA A 516 1.42 24.06 14.26
CA ALA A 516 0.70 22.93 13.68
C ALA A 516 -0.47 23.43 12.87
N ASP A 517 -1.22 24.38 13.42
CA ASP A 517 -2.38 24.94 12.74
C ASP A 517 -1.95 25.61 11.44
N ALA A 518 -0.72 26.10 11.41
CA ALA A 518 -0.17 26.73 10.22
C ALA A 518 0.22 25.68 9.19
N LEU A 519 0.92 24.65 9.65
CA LEU A 519 1.36 23.57 8.77
C LEU A 519 0.18 23.00 7.99
N SER A 520 -0.94 22.81 8.68
CA SER A 520 -2.15 22.26 8.06
C SER A 520 -2.65 23.17 6.94
N ARG A 521 -2.30 24.45 7.00
CA ARG A 521 -2.71 25.41 5.99
C ARG A 521 -1.72 25.46 4.84
N GLY A 522 -0.50 24.99 5.09
CA GLY A 522 0.54 25.00 4.08
C GLY A 522 1.25 26.33 4.01
N GLU A 523 1.36 26.99 5.16
CA GLU A 523 2.02 28.28 5.24
C GLU A 523 3.50 28.19 4.90
N PHE A 524 4.11 27.06 5.22
CA PHE A 524 5.54 26.87 4.97
C PHE A 524 5.81 26.46 3.52
N LEU A 525 4.91 25.68 2.95
CA LEU A 525 5.05 25.26 1.56
C LEU A 525 4.99 26.47 0.64
N ARG A 526 4.09 27.40 0.96
CA ARG A 526 3.94 28.62 0.17
C ARG A 526 5.10 29.58 0.37
N ALA A 527 5.46 29.79 1.63
CA ALA A 527 6.56 30.69 1.97
C ALA A 527 7.76 30.42 1.07
N ILE A 528 7.90 29.18 0.64
CA ILE A 528 9.00 28.78 -0.22
C ILE A 528 8.78 29.19 -1.67
N ALA A 529 7.62 28.82 -2.21
CA ALA A 529 7.28 29.12 -3.60
C ALA A 529 7.35 30.62 -3.88
N ARG A 530 7.08 31.43 -2.86
CA ARG A 530 7.10 32.87 -2.99
C ARG A 530 8.46 33.46 -2.63
N GLU A 531 8.70 33.59 -1.34
CA GLU A 531 9.95 34.16 -0.84
C GLU A 531 11.19 33.52 -1.45
N THR A 532 10.99 32.40 -2.14
CA THR A 532 12.11 31.66 -2.71
C THR A 532 12.12 31.34 -4.20
N ASP A 533 10.94 31.05 -4.74
CA ASP A 533 10.83 30.63 -6.14
C ASP A 533 11.00 29.14 -6.40
N ILE A 534 11.27 28.40 -5.33
CA ILE A 534 11.52 26.97 -5.42
C ILE A 534 10.24 26.25 -5.82
N GLN A 535 10.31 25.48 -6.90
CA GLN A 535 9.16 24.70 -7.35
C GLN A 535 9.28 23.27 -6.84
N LEU A 536 8.86 23.08 -5.60
CA LEU A 536 8.93 21.76 -4.96
C LEU A 536 8.00 20.75 -5.60
N ARG A 537 8.49 19.51 -5.72
CA ARG A 537 7.70 18.43 -6.26
C ARG A 537 6.73 17.99 -5.16
N VAL B 11 19.37 -19.34 -22.32
CA VAL B 11 18.56 -20.09 -21.36
C VAL B 11 18.98 -19.78 -19.93
N PRO B 12 20.06 -19.03 -19.79
CA PRO B 12 20.56 -18.65 -18.46
C PRO B 12 20.07 -17.27 -18.06
N VAL B 13 19.67 -17.10 -16.81
CA VAL B 13 19.20 -15.80 -16.33
C VAL B 13 20.34 -14.79 -16.37
N SER B 14 20.04 -13.59 -16.85
CA SER B 14 21.04 -12.54 -16.95
C SER B 14 20.94 -11.52 -15.83
N VAL B 15 21.88 -11.56 -14.89
CA VAL B 15 21.91 -10.63 -13.78
C VAL B 15 22.87 -9.49 -14.08
N ASP B 16 22.39 -8.50 -14.83
CA ASP B 16 23.21 -7.37 -15.24
C ASP B 16 23.00 -6.15 -14.34
N GLY B 17 22.06 -6.26 -13.41
CA GLY B 17 21.75 -5.17 -12.50
C GLY B 17 20.90 -4.09 -13.14
N GLU B 18 20.20 -4.45 -14.21
CA GLU B 18 19.38 -3.49 -14.93
C GLU B 18 18.11 -4.10 -15.50
N THR B 19 18.12 -5.41 -15.75
CA THR B 19 16.99 -6.05 -16.39
C THR B 19 16.32 -7.14 -15.53
N LEU B 20 17.02 -7.59 -14.50
CA LEU B 20 16.47 -8.64 -13.64
C LEU B 20 15.00 -8.41 -13.30
N THR B 21 14.20 -9.46 -13.36
CA THR B 21 12.78 -9.38 -13.05
C THR B 21 12.42 -10.28 -11.89
N VAL B 22 11.23 -10.08 -11.33
CA VAL B 22 10.76 -10.88 -10.22
C VAL B 22 10.60 -12.34 -10.65
N GLU B 23 9.93 -12.53 -11.79
CA GLU B 23 9.71 -13.88 -12.32
C GLU B 23 11.03 -14.61 -12.54
N ALA B 24 12.05 -13.88 -12.99
CA ALA B 24 13.36 -14.47 -13.22
C ALA B 24 14.01 -14.89 -11.91
N VAL B 25 13.77 -14.11 -10.86
CA VAL B 25 14.33 -14.42 -9.55
C VAL B 25 13.78 -15.74 -9.04
N ARG B 26 12.50 -15.99 -9.32
CA ARG B 26 11.86 -17.23 -8.92
C ARG B 26 12.49 -18.43 -9.62
N ARG B 27 12.63 -18.32 -10.94
CA ARG B 27 13.24 -19.37 -11.73
C ARG B 27 14.58 -19.78 -11.13
N VAL B 28 15.42 -18.79 -10.86
CA VAL B 28 16.73 -19.04 -10.27
C VAL B 28 16.58 -19.66 -8.89
N ALA B 29 15.68 -19.07 -8.09
CA ALA B 29 15.43 -19.56 -6.73
C ALA B 29 14.77 -20.93 -6.70
N GLU B 30 13.65 -21.06 -7.42
CA GLU B 30 12.90 -22.31 -7.44
C GLU B 30 13.37 -23.32 -8.50
N GLU B 31 13.06 -23.02 -9.76
CA GLU B 31 13.41 -23.88 -10.88
C GLU B 31 14.90 -24.15 -11.00
N ARG B 32 15.71 -23.31 -10.37
CA ARG B 32 17.16 -23.49 -10.38
C ARG B 32 17.81 -22.92 -11.64
N ALA B 33 17.05 -22.15 -12.41
CA ALA B 33 17.57 -21.56 -13.63
C ALA B 33 19.00 -21.06 -13.42
N THR B 34 19.86 -21.31 -14.40
CA THR B 34 21.26 -20.89 -14.33
C THR B 34 21.36 -19.37 -14.42
N VAL B 35 22.35 -18.81 -13.74
CA VAL B 35 22.57 -17.38 -13.74
C VAL B 35 23.92 -17.01 -14.34
N ASP B 36 23.92 -16.07 -15.28
CA ASP B 36 25.15 -15.64 -15.93
C ASP B 36 25.33 -14.12 -15.83
N VAL B 37 26.52 -13.70 -15.43
CA VAL B 37 26.85 -12.28 -15.34
C VAL B 37 27.51 -11.81 -16.62
N PRO B 38 26.74 -11.13 -17.47
CA PRO B 38 27.25 -10.64 -18.75
C PRO B 38 28.69 -10.13 -18.64
N ALA B 39 29.50 -10.41 -19.64
CA ALA B 39 30.90 -9.97 -19.66
C ALA B 39 30.99 -8.45 -19.61
N GLU B 40 29.93 -7.79 -20.07
CA GLU B 40 29.88 -6.34 -20.06
C GLU B 40 29.81 -5.81 -18.62
N SER B 41 29.06 -6.52 -17.78
CA SER B 41 28.93 -6.14 -16.39
C SER B 41 30.25 -6.36 -15.66
N ILE B 42 30.87 -7.51 -15.88
CA ILE B 42 32.14 -7.83 -15.26
C ILE B 42 33.18 -6.78 -15.61
N ALA B 43 33.07 -6.23 -16.82
CA ALA B 43 33.99 -5.20 -17.27
C ALA B 43 33.79 -3.94 -16.46
N LYS B 44 32.54 -3.48 -16.39
CA LYS B 44 32.21 -2.30 -15.61
C LYS B 44 32.68 -2.47 -14.17
N ALA B 45 32.69 -3.72 -13.72
CA ALA B 45 33.11 -4.03 -12.36
C ALA B 45 34.63 -4.00 -12.22
N GLN B 46 35.31 -4.80 -13.03
CA GLN B 46 36.77 -4.86 -13.00
C GLN B 46 37.37 -3.47 -13.16
N LYS B 47 36.80 -2.68 -14.06
CA LYS B 47 37.28 -1.33 -14.31
C LYS B 47 37.06 -0.45 -13.09
N SER B 48 35.83 -0.46 -12.58
CA SER B 48 35.46 0.34 -11.42
C SER B 48 36.24 -0.08 -10.19
N ARG B 49 36.61 -1.36 -10.14
CA ARG B 49 37.37 -1.89 -9.02
C ARG B 49 38.79 -1.33 -9.01
N GLU B 50 39.24 -0.87 -10.18
CA GLU B 50 40.59 -0.32 -10.30
C GLU B 50 40.62 1.15 -9.87
N ILE B 51 39.63 1.92 -10.31
CA ILE B 51 39.55 3.33 -9.97
C ILE B 51 39.37 3.51 -8.46
N PHE B 52 38.48 2.72 -7.89
CA PHE B 52 38.18 2.79 -6.46
C PHE B 52 39.38 2.38 -5.62
N GLU B 53 40.05 1.31 -6.03
CA GLU B 53 41.22 0.81 -5.32
C GLU B 53 42.29 1.89 -5.18
N GLY B 54 42.51 2.65 -6.25
CA GLY B 54 43.48 3.72 -6.24
C GLY B 54 43.14 4.78 -5.21
N ILE B 55 41.85 5.04 -5.06
CA ILE B 55 41.40 6.04 -4.09
C ILE B 55 41.67 5.56 -2.67
N ALA B 56 41.20 4.36 -2.35
CA ALA B 56 41.40 3.79 -1.03
C ALA B 56 42.87 3.54 -0.76
N GLU B 57 43.65 3.39 -1.84
CA GLU B 57 45.09 3.14 -1.73
C GLU B 57 45.83 4.36 -1.22
N GLN B 58 45.10 5.46 -1.03
CA GLN B 58 45.70 6.70 -0.54
C GLN B 58 45.31 6.96 0.90
N ASN B 59 44.69 5.97 1.53
CA ASN B 59 44.26 6.08 2.92
C ASN B 59 43.24 7.21 3.10
N ILE B 60 42.40 7.42 2.11
CA ILE B 60 41.38 8.46 2.17
C ILE B 60 40.15 7.99 2.93
N PRO B 61 39.52 8.91 3.65
CA PRO B 61 38.33 8.59 4.45
C PRO B 61 37.18 8.05 3.62
N ILE B 62 36.87 6.78 3.79
CA ILE B 62 35.77 6.14 3.09
C ILE B 62 35.04 5.20 4.05
N TYR B 63 33.74 5.42 4.23
CA TYR B 63 32.97 4.60 5.16
C TYR B 63 33.08 3.11 4.88
N GLY B 64 33.13 2.34 5.95
CA GLY B 64 33.20 0.90 5.87
C GLY B 64 34.43 0.38 5.18
N VAL B 65 35.36 1.28 4.89
CA VAL B 65 36.60 0.92 4.22
C VAL B 65 37.81 1.45 5.00
N THR B 66 37.72 2.68 5.48
CA THR B 66 38.80 3.28 6.25
C THR B 66 38.27 3.94 7.53
N THR B 67 37.01 3.67 7.85
CA THR B 67 36.38 4.21 9.05
C THR B 67 35.60 3.12 9.76
N GLY B 68 35.25 3.38 11.02
CA GLY B 68 34.46 2.43 11.78
C GLY B 68 33.13 2.19 11.11
N TYR B 69 32.34 1.28 11.67
CA TYR B 69 31.03 0.97 11.12
C TYR B 69 29.93 1.56 12.00
N GLY B 70 28.87 2.05 11.36
CA GLY B 70 27.76 2.64 12.07
C GLY B 70 28.18 3.79 12.98
N ALA B 71 27.74 3.73 14.23
CA ALA B 71 28.05 4.79 15.20
C ALA B 71 29.55 5.02 15.35
N MET B 72 30.35 4.02 15.04
CA MET B 72 31.80 4.13 15.18
C MET B 72 32.46 4.70 13.94
N ILE B 73 31.71 5.46 13.16
CA ILE B 73 32.24 6.09 11.96
C ILE B 73 33.26 7.17 12.32
N TYR B 74 33.35 7.47 13.60
CA TYR B 74 34.29 8.47 14.09
C TYR B 74 35.68 7.84 14.24
N MET B 75 35.73 6.52 14.14
CA MET B 75 37.00 5.80 14.24
C MET B 75 37.62 5.65 12.86
N GLN B 76 38.84 6.16 12.70
CA GLN B 76 39.54 6.07 11.44
C GLN B 76 40.48 4.86 11.42
N VAL B 77 40.30 4.01 10.42
CA VAL B 77 41.13 2.81 10.30
C VAL B 77 42.10 2.90 9.13
N ASP B 78 43.37 2.66 9.40
CA ASP B 78 44.40 2.70 8.37
C ASP B 78 44.21 1.56 7.38
N LYS B 79 44.53 1.81 6.12
CA LYS B 79 44.37 0.80 5.07
C LYS B 79 45.16 -0.47 5.34
N SER B 80 46.05 -0.42 6.34
CA SER B 80 46.87 -1.57 6.69
C SER B 80 46.02 -2.73 7.21
N LYS B 81 44.80 -2.42 7.64
CA LYS B 81 43.90 -3.44 8.16
C LYS B 81 42.72 -3.66 7.22
N GLU B 82 42.97 -3.46 5.92
CA GLU B 82 41.93 -3.57 4.90
C GLU B 82 41.11 -4.85 5.00
N VAL B 83 41.79 -5.99 5.18
CA VAL B 83 41.11 -7.28 5.23
C VAL B 83 40.41 -7.54 6.56
N GLU B 84 41.07 -7.18 7.65
CA GLU B 84 40.52 -7.40 8.98
C GLU B 84 39.24 -6.58 9.19
N LEU B 85 39.23 -5.36 8.67
CA LEU B 85 38.08 -4.49 8.81
C LEU B 85 36.82 -5.08 8.19
N GLN B 86 36.96 -5.66 7.01
CA GLN B 86 35.82 -6.26 6.33
C GLN B 86 35.48 -7.63 6.91
N THR B 87 36.51 -8.31 7.42
CA THR B 87 36.33 -9.63 8.00
C THR B 87 35.63 -9.54 9.36
N ASN B 88 36.16 -8.71 10.24
CA ASN B 88 35.57 -8.50 11.56
C ASN B 88 34.11 -8.09 11.44
N LEU B 89 33.78 -7.42 10.34
CA LEU B 89 32.42 -6.96 10.09
C LEU B 89 31.47 -8.12 9.85
N VAL B 90 31.81 -8.97 8.89
CA VAL B 90 30.98 -10.11 8.54
C VAL B 90 30.74 -11.02 9.75
N ARG B 91 31.79 -11.28 10.51
CA ARG B 91 31.71 -12.14 11.68
C ARG B 91 30.88 -11.49 12.78
N SER B 92 31.34 -10.34 13.26
CA SER B 92 30.65 -9.62 14.34
C SER B 92 29.19 -9.37 14.04
N HIS B 93 28.84 -9.29 12.77
CA HIS B 93 27.46 -9.02 12.37
C HIS B 93 26.70 -10.28 12.00
N SER B 94 27.36 -11.43 12.10
CA SER B 94 26.73 -12.71 11.82
C SER B 94 26.02 -13.16 13.09
N ALA B 95 24.93 -12.48 13.43
CA ALA B 95 24.19 -12.77 14.65
C ALA B 95 22.71 -13.04 14.38
N GLY B 96 22.42 -13.68 13.27
CA GLY B 96 21.05 -14.02 12.93
C GLY B 96 20.54 -15.12 13.84
N VAL B 97 19.26 -15.07 14.16
CA VAL B 97 18.63 -16.08 15.01
C VAL B 97 17.34 -16.57 14.39
N GLY B 98 16.76 -17.60 14.99
CA GLY B 98 15.51 -18.17 14.50
C GLY B 98 15.74 -19.26 13.48
N PRO B 99 14.67 -19.64 12.78
CA PRO B 99 14.74 -20.70 11.77
C PRO B 99 15.53 -20.27 10.53
N LEU B 100 16.00 -21.25 9.77
CA LEU B 100 16.75 -20.98 8.55
C LEU B 100 15.82 -20.84 7.36
N PHE B 101 16.18 -19.94 6.44
CA PHE B 101 15.38 -19.70 5.25
C PHE B 101 15.34 -20.91 4.33
N ALA B 102 14.23 -21.09 3.62
CA ALA B 102 14.08 -22.21 2.69
C ALA B 102 15.07 -22.09 1.54
N GLU B 103 15.52 -23.24 1.03
CA GLU B 103 16.47 -23.25 -0.07
C GLU B 103 16.14 -22.20 -1.12
N ASP B 104 14.90 -22.23 -1.60
CA ASP B 104 14.47 -21.27 -2.62
C ASP B 104 14.59 -19.82 -2.12
N GLU B 105 14.15 -19.59 -0.89
CA GLU B 105 14.23 -18.25 -0.30
C GLU B 105 15.69 -17.79 -0.25
N ALA B 106 16.54 -18.60 0.34
CA ALA B 106 17.96 -18.28 0.45
C ALA B 106 18.56 -17.95 -0.90
N ARG B 107 18.12 -18.67 -1.94
CA ARG B 107 18.62 -18.44 -3.28
C ARG B 107 18.18 -17.10 -3.83
N ALA B 108 16.91 -16.76 -3.61
CA ALA B 108 16.38 -15.47 -4.07
C ALA B 108 17.16 -14.33 -3.44
N ILE B 109 17.48 -14.48 -2.16
CA ILE B 109 18.24 -13.48 -1.43
C ILE B 109 19.60 -13.26 -2.09
N VAL B 110 20.36 -14.34 -2.24
CA VAL B 110 21.67 -14.27 -2.85
C VAL B 110 21.58 -13.73 -4.28
N ALA B 111 20.57 -14.20 -5.01
CA ALA B 111 20.36 -13.75 -6.38
C ALA B 111 20.13 -12.25 -6.43
N ALA B 112 19.42 -11.71 -5.44
CA ALA B 112 19.14 -10.29 -5.37
C ALA B 112 20.42 -9.51 -5.07
N ARG B 113 21.28 -10.07 -4.23
CA ARG B 113 22.53 -9.43 -3.88
C ARG B 113 23.49 -9.44 -5.07
N LEU B 114 23.64 -10.59 -5.68
CA LEU B 114 24.51 -10.72 -6.84
C LEU B 114 24.16 -9.65 -7.87
N ASN B 115 22.87 -9.52 -8.16
CA ASN B 115 22.39 -8.53 -9.12
C ASN B 115 22.62 -7.10 -8.66
N THR B 116 22.71 -6.91 -7.34
CA THR B 116 22.93 -5.59 -6.78
C THR B 116 24.35 -5.13 -7.10
N LEU B 117 25.32 -5.91 -6.69
CA LEU B 117 26.73 -5.59 -6.92
C LEU B 117 27.08 -5.63 -8.41
N ALA B 118 26.27 -6.33 -9.18
CA ALA B 118 26.50 -6.46 -10.61
C ALA B 118 26.21 -5.18 -11.38
N LYS B 119 25.52 -4.24 -10.74
CA LYS B 119 25.18 -2.99 -11.38
C LYS B 119 26.43 -2.13 -11.60
N GLY B 120 27.54 -2.55 -11.00
CA GLY B 120 28.80 -1.87 -11.15
C GLY B 120 28.91 -0.54 -10.42
N HIS B 121 28.44 -0.49 -9.18
CA HIS B 121 28.51 0.72 -8.39
C HIS B 121 29.00 0.45 -6.97
N SER B 122 29.30 -0.81 -6.68
CA SER B 122 29.76 -1.20 -5.35
C SER B 122 31.28 -1.35 -5.29
N ALA B 123 31.94 -1.06 -6.40
CA ALA B 123 33.40 -1.14 -6.47
C ALA B 123 33.94 -2.45 -5.90
N VAL B 124 33.37 -3.56 -6.35
CA VAL B 124 33.80 -4.89 -5.89
C VAL B 124 34.53 -5.62 -7.01
N ARG B 125 35.38 -6.57 -6.63
CA ARG B 125 36.11 -7.36 -7.61
C ARG B 125 35.13 -8.30 -8.29
N PRO B 126 35.46 -8.71 -9.52
CA PRO B 126 34.58 -9.64 -10.24
C PRO B 126 34.51 -10.98 -9.54
N ILE B 127 35.58 -11.36 -8.86
CA ILE B 127 35.62 -12.61 -8.13
C ILE B 127 34.40 -12.76 -7.23
N ILE B 128 34.00 -11.66 -6.60
CA ILE B 128 32.84 -11.66 -5.73
C ILE B 128 31.58 -12.02 -6.51
N LEU B 129 31.43 -11.42 -7.69
CA LEU B 129 30.30 -11.70 -8.54
C LEU B 129 30.35 -13.16 -9.02
N GLU B 130 31.54 -13.59 -9.40
CA GLU B 130 31.74 -14.97 -9.86
C GLU B 130 31.45 -15.96 -8.75
N ARG B 131 31.94 -15.67 -7.55
CA ARG B 131 31.74 -16.54 -6.40
C ARG B 131 30.26 -16.74 -6.10
N LEU B 132 29.54 -15.62 -5.93
CA LEU B 132 28.12 -15.67 -5.66
C LEU B 132 27.42 -16.50 -6.73
N ALA B 133 27.76 -16.25 -7.99
CA ALA B 133 27.17 -16.97 -9.10
C ALA B 133 27.48 -18.46 -9.04
N GLN B 134 28.68 -18.80 -8.61
CA GLN B 134 29.09 -20.20 -8.49
C GLN B 134 28.16 -20.95 -7.55
N TYR B 135 27.91 -20.36 -6.39
CA TYR B 135 27.04 -20.96 -5.39
C TYR B 135 25.65 -21.21 -5.95
N LEU B 136 25.11 -20.22 -6.65
CA LEU B 136 23.77 -20.32 -7.23
C LEU B 136 23.67 -21.41 -8.28
N ASN B 137 24.77 -21.67 -8.98
CA ASN B 137 24.79 -22.69 -10.02
C ASN B 137 25.23 -24.05 -9.49
N GLU B 138 26.23 -24.06 -8.63
CA GLU B 138 26.75 -25.30 -8.07
C GLU B 138 25.86 -25.85 -6.97
N GLY B 139 24.84 -25.09 -6.59
CA GLY B 139 23.88 -25.52 -5.60
C GLY B 139 24.36 -25.38 -4.16
N ILE B 140 25.15 -24.35 -3.90
CA ILE B 140 25.66 -24.09 -2.56
C ILE B 140 24.79 -23.04 -1.87
N THR B 141 23.79 -23.51 -1.13
CA THR B 141 22.86 -22.64 -0.43
C THR B 141 23.33 -22.29 0.98
N PRO B 142 23.47 -21.00 1.24
CA PRO B 142 23.90 -20.54 2.56
C PRO B 142 22.79 -20.70 3.59
N ALA B 143 23.16 -20.95 4.84
CA ALA B 143 22.19 -21.07 5.92
C ALA B 143 21.89 -19.68 6.48
N ILE B 144 20.79 -19.09 6.04
CA ILE B 144 20.42 -17.75 6.47
C ILE B 144 19.30 -17.75 7.50
N PRO B 145 19.63 -17.27 8.70
CA PRO B 145 18.63 -17.17 9.78
C PRO B 145 17.59 -16.13 9.40
N GLU B 146 16.32 -16.46 9.62
CA GLU B 146 15.21 -15.58 9.25
C GLU B 146 15.19 -14.24 10.00
N ILE B 147 15.56 -14.27 11.28
CA ILE B 147 15.47 -13.06 12.11
C ILE B 147 16.81 -12.41 12.42
N GLY B 148 16.82 -11.08 12.38
CA GLY B 148 18.03 -10.32 12.69
C GLY B 148 18.09 -8.96 12.03
N SER B 149 17.74 -8.91 10.74
CA SER B 149 17.81 -7.67 9.97
C SER B 149 16.83 -6.60 10.44
N LEU B 150 17.28 -5.35 10.45
CA LEU B 150 16.43 -4.23 10.81
C LEU B 150 15.93 -3.53 9.54
N GLY B 151 16.32 -4.07 8.39
CA GLY B 151 15.92 -3.51 7.12
C GLY B 151 16.78 -2.33 6.70
N ASP B 153 19.23 -5.34 5.93
CA ASP B 153 19.27 -6.79 6.12
C ASP B 153 20.71 -7.20 6.45
N LEU B 154 21.26 -6.59 7.48
CA LEU B 154 22.65 -6.84 7.88
C LEU B 154 22.90 -8.28 8.33
N ALA B 155 22.14 -8.72 9.32
CA ALA B 155 22.29 -10.07 9.87
C ALA B 155 22.22 -11.16 8.80
N PRO B 156 21.06 -11.27 8.15
CA PRO B 156 20.85 -12.29 7.12
C PRO B 156 21.93 -12.25 6.03
N LEU B 157 22.25 -11.06 5.54
CA LEU B 157 23.26 -10.91 4.50
C LEU B 157 24.66 -11.23 5.04
N SER B 158 24.85 -11.03 6.33
CA SER B 158 26.13 -11.31 6.97
C SER B 158 26.38 -12.81 7.03
N HIS B 159 25.30 -13.58 7.22
CA HIS B 159 25.41 -15.03 7.26
C HIS B 159 25.75 -15.55 5.87
N VAL B 160 25.21 -14.89 4.85
CA VAL B 160 25.48 -15.25 3.48
C VAL B 160 26.95 -14.95 3.17
N ALA B 161 27.34 -13.71 3.34
CA ALA B 161 28.72 -13.30 3.11
C ALA B 161 29.69 -14.22 3.81
N SER B 162 29.29 -14.73 4.97
CA SER B 162 30.13 -15.63 5.74
C SER B 162 30.52 -16.87 4.93
N THR B 163 29.58 -17.35 4.12
CA THR B 163 29.83 -18.53 3.29
C THR B 163 30.79 -18.23 2.15
N LEU B 164 30.97 -16.95 1.84
CA LEU B 164 31.87 -16.54 0.77
C LEU B 164 33.33 -16.59 1.20
N ILE B 165 33.55 -16.65 2.51
CA ILE B 165 34.90 -16.73 3.05
C ILE B 165 35.15 -18.06 3.73
N GLY B 166 34.23 -19.00 3.53
CA GLY B 166 34.34 -20.32 4.10
C GLY B 166 33.93 -20.39 5.56
N GLU B 167 33.08 -19.44 5.96
CA GLU B 167 32.62 -19.39 7.35
C GLU B 167 31.11 -19.56 7.44
N GLY B 168 30.58 -19.47 8.66
CA GLY B 168 29.16 -19.61 8.89
C GLY B 168 28.67 -21.01 8.64
N TYR B 169 27.53 -21.13 7.96
CA TYR B 169 26.95 -22.44 7.68
C TYR B 169 26.26 -22.47 6.32
N VAL B 170 26.21 -23.66 5.72
CA VAL B 170 25.54 -23.86 4.46
C VAL B 170 24.35 -24.79 4.69
N LEU B 171 23.23 -24.49 4.03
CA LEU B 171 22.03 -25.27 4.19
C LEU B 171 22.02 -26.52 3.30
N ARG B 172 21.88 -27.68 3.93
CA ARG B 172 21.84 -28.94 3.20
C ARG B 172 20.88 -29.92 3.85
N ASP B 173 19.74 -30.13 3.21
CA ASP B 173 18.72 -31.04 3.74
C ASP B 173 18.01 -30.42 4.94
N GLY B 174 17.88 -29.09 4.92
CA GLY B 174 17.20 -28.38 5.99
C GLY B 174 18.07 -28.09 7.19
N ARG B 175 19.22 -28.75 7.28
CA ARG B 175 20.14 -28.54 8.39
C ARG B 175 21.37 -27.75 7.96
N PRO B 176 21.98 -27.06 8.92
CA PRO B 176 23.16 -26.25 8.65
C PRO B 176 24.45 -27.06 8.79
N VAL B 177 25.36 -26.90 7.83
CA VAL B 177 26.64 -27.60 7.86
C VAL B 177 27.78 -26.62 7.66
N GLU B 178 28.84 -26.77 8.45
CA GLU B 178 30.00 -25.90 8.35
C GLU B 178 30.33 -25.59 6.91
N THR B 179 30.52 -24.32 6.60
CA THR B 179 30.82 -23.89 5.24
C THR B 179 32.18 -24.41 4.76
N ALA B 180 33.14 -24.49 5.67
CA ALA B 180 34.48 -24.96 5.33
C ALA B 180 34.45 -26.41 4.84
N GLN B 181 33.90 -27.29 5.67
CA GLN B 181 33.81 -28.70 5.34
C GLN B 181 33.13 -28.94 3.99
N VAL B 182 32.15 -28.09 3.68
CA VAL B 182 31.42 -28.21 2.42
C VAL B 182 32.25 -27.72 1.24
N LEU B 183 33.04 -26.68 1.48
CA LEU B 183 33.91 -26.13 0.44
C LEU B 183 34.95 -27.15 0.03
N ALA B 184 35.55 -27.80 1.02
CA ALA B 184 36.55 -28.83 0.76
C ALA B 184 35.94 -29.95 -0.06
N GLU B 185 34.66 -30.24 0.19
CA GLU B 185 33.96 -31.29 -0.53
C GLU B 185 33.67 -30.87 -1.97
N ARG B 186 33.65 -29.57 -2.20
CA ARG B 186 33.41 -29.04 -3.54
C ARG B 186 34.72 -28.66 -4.22
N GLY B 187 35.79 -28.59 -3.42
CA GLY B 187 37.11 -28.25 -3.93
C GLY B 187 37.35 -26.75 -4.00
N ILE B 188 36.33 -25.97 -3.65
CA ILE B 188 36.43 -24.52 -3.70
C ILE B 188 37.33 -23.96 -2.62
N GLU B 189 38.11 -22.92 -2.97
CA GLU B 189 38.98 -22.26 -2.01
C GLU B 189 38.30 -20.97 -1.55
N PRO B 190 38.05 -20.86 -0.25
CA PRO B 190 37.37 -19.69 0.31
C PRO B 190 38.03 -18.38 -0.12
N LEU B 191 37.20 -17.37 -0.41
CA LEU B 191 37.70 -16.07 -0.81
C LEU B 191 38.15 -15.27 0.42
N GLU B 192 38.83 -14.16 0.16
CA GLU B 192 39.29 -13.27 1.22
C GLU B 192 38.77 -11.87 0.96
N LEU B 193 37.89 -11.39 1.83
CA LEU B 193 37.28 -10.07 1.65
C LEU B 193 38.33 -8.98 1.48
N ARG B 194 38.05 -8.04 0.58
CA ARG B 194 38.97 -6.94 0.32
C ARG B 194 38.37 -5.59 0.70
N PHE B 195 38.95 -4.51 0.20
CA PHE B 195 38.50 -3.16 0.50
C PHE B 195 37.00 -3.05 0.24
N LYS B 196 36.23 -2.84 1.31
CA LYS B 196 34.81 -2.57 1.22
C LYS B 196 34.03 -3.79 0.68
N GLU B 197 34.73 -4.91 0.52
CA GLU B 197 34.09 -6.11 -0.02
C GLU B 197 33.08 -6.72 0.95
N GLY B 198 33.42 -6.74 2.23
CA GLY B 198 32.54 -7.29 3.24
C GLY B 198 31.31 -6.44 3.48
N LEU B 199 31.48 -5.12 3.39
CA LEU B 199 30.39 -4.18 3.61
C LEU B 199 29.38 -4.15 2.45
N ALA B 200 29.88 -4.30 1.23
CA ALA B 200 29.01 -4.26 0.06
C ALA B 200 28.15 -5.51 -0.04
N LEU B 201 28.57 -6.58 0.62
CA LEU B 201 27.86 -7.85 0.58
C LEU B 201 26.67 -7.91 1.55
N ILE B 202 26.80 -7.26 2.70
CA ILE B 202 25.77 -7.27 3.72
C ILE B 202 24.88 -6.04 3.72
N ASN B 203 25.43 -4.91 3.29
CA ASN B 203 24.71 -3.64 3.29
C ASN B 203 23.74 -3.47 2.13
N GLY B 204 22.54 -4.04 2.26
CA GLY B 204 21.56 -3.94 1.22
C GLY B 204 20.17 -4.42 1.61
N THR B 205 19.23 -4.30 0.68
CA THR B 205 17.86 -4.73 0.92
C THR B 205 17.58 -6.04 0.19
N SER B 206 18.63 -6.79 -0.07
CA SER B 206 18.52 -8.06 -0.79
C SER B 206 17.71 -9.10 -0.03
N GLY B 207 17.76 -9.03 1.30
CA GLY B 207 17.00 -9.96 2.12
C GLY B 207 15.51 -9.86 1.88
N MET B 208 14.98 -8.65 2.04
CA MET B 208 13.56 -8.40 1.84
C MET B 208 13.17 -8.39 0.38
N THR B 209 14.11 -8.03 -0.50
CA THR B 209 13.85 -7.96 -1.93
C THR B 209 13.74 -9.34 -2.57
N GLY B 210 14.62 -10.24 -2.16
CA GLY B 210 14.59 -11.61 -2.65
C GLY B 210 13.39 -12.36 -2.11
N LEU B 211 13.18 -12.28 -0.81
CA LEU B 211 12.05 -12.91 -0.17
C LEU B 211 10.75 -12.31 -0.69
N GLY B 212 10.71 -10.99 -0.75
CA GLY B 212 9.54 -10.28 -1.24
C GLY B 212 9.24 -10.59 -2.69
N SER B 213 10.28 -10.89 -3.46
CA SER B 213 10.13 -11.21 -4.86
C SER B 213 9.32 -12.50 -5.02
N LEU B 214 9.72 -13.52 -4.28
CA LEU B 214 9.03 -14.80 -4.30
C LEU B 214 7.56 -14.64 -3.90
N VAL B 215 7.34 -13.89 -2.83
CA VAL B 215 5.98 -13.68 -2.33
C VAL B 215 5.07 -13.03 -3.37
N VAL B 216 5.45 -11.85 -3.85
CA VAL B 216 4.65 -11.13 -4.83
C VAL B 216 4.42 -12.00 -6.06
N GLY B 217 5.46 -12.72 -6.48
CA GLY B 217 5.35 -13.61 -7.62
C GLY B 217 4.28 -14.65 -7.38
N ARG B 218 4.37 -15.31 -6.23
CA ARG B 218 3.39 -16.32 -5.85
C ARG B 218 2.05 -15.69 -5.50
N ALA B 219 2.10 -14.45 -5.02
CA ALA B 219 0.89 -13.72 -4.67
C ALA B 219 -0.01 -13.57 -5.89
N LEU B 220 0.60 -13.25 -7.02
CA LEU B 220 -0.13 -13.09 -8.26
C LEU B 220 -0.70 -14.42 -8.73
N GLU B 221 0.06 -15.49 -8.47
CA GLU B 221 -0.39 -16.83 -8.82
C GLU B 221 -1.56 -17.21 -7.93
N GLN B 222 -1.51 -16.75 -6.68
CA GLN B 222 -2.58 -17.01 -5.72
C GLN B 222 -3.83 -16.27 -6.16
N ALA B 223 -3.65 -15.05 -6.66
CA ALA B 223 -4.76 -14.24 -7.15
C ALA B 223 -5.46 -14.95 -8.30
N GLN B 224 -4.65 -15.49 -9.22
CA GLN B 224 -5.18 -16.20 -10.37
C GLN B 224 -5.95 -17.45 -9.92
N GLN B 225 -5.35 -18.21 -9.02
CA GLN B 225 -5.95 -19.43 -8.51
C GLN B 225 -7.21 -19.13 -7.70
N ALA B 226 -7.28 -17.92 -7.17
CA ALA B 226 -8.45 -17.52 -6.40
C ALA B 226 -9.61 -17.30 -7.36
N GLU B 227 -9.32 -16.61 -8.46
CA GLU B 227 -10.32 -16.35 -9.49
C GLU B 227 -10.74 -17.67 -10.15
N ILE B 228 -9.77 -18.58 -10.29
CA ILE B 228 -10.04 -19.88 -10.90
C ILE B 228 -11.11 -20.65 -10.13
N VAL B 229 -10.91 -20.80 -8.82
CA VAL B 229 -11.86 -21.51 -7.98
C VAL B 229 -13.17 -20.74 -7.85
N THR B 230 -13.08 -19.42 -7.83
CA THR B 230 -14.26 -18.57 -7.71
C THR B 230 -15.20 -18.77 -8.90
N ALA B 231 -14.61 -18.97 -10.07
CA ALA B 231 -15.37 -19.19 -11.29
C ALA B 231 -16.10 -20.51 -11.23
N LEU B 232 -15.40 -21.55 -10.75
CA LEU B 232 -15.99 -22.87 -10.61
C LEU B 232 -17.18 -22.80 -9.68
N LEU B 233 -16.98 -22.19 -8.52
CA LEU B 233 -18.04 -22.04 -7.52
C LEU B 233 -19.24 -21.29 -8.11
N ILE B 234 -18.95 -20.25 -8.88
CA ILE B 234 -20.00 -19.46 -9.51
C ILE B 234 -20.85 -20.34 -10.43
N GLU B 235 -20.19 -21.18 -11.20
CA GLU B 235 -20.89 -22.09 -12.11
C GLU B 235 -21.63 -23.17 -11.33
N ALA B 236 -21.06 -23.58 -10.20
CA ALA B 236 -21.68 -24.60 -9.37
C ALA B 236 -23.00 -24.14 -8.79
N VAL B 237 -23.04 -22.89 -8.32
CA VAL B 237 -24.26 -22.33 -7.76
C VAL B 237 -25.13 -21.70 -8.83
N ARG B 238 -24.63 -21.69 -10.06
CA ARG B 238 -25.36 -21.13 -11.19
C ARG B 238 -25.56 -19.62 -11.08
N GLY B 239 -24.53 -18.92 -10.66
CA GLY B 239 -24.62 -17.48 -10.52
C GLY B 239 -24.75 -16.73 -11.83
N SER B 240 -24.92 -15.41 -11.73
CA SER B 240 -25.05 -14.56 -12.91
C SER B 240 -23.68 -14.13 -13.41
N THR B 241 -23.62 -13.69 -14.66
CA THR B 241 -22.35 -13.27 -15.27
C THR B 241 -22.32 -11.75 -15.45
N SER B 242 -23.47 -11.11 -15.25
CA SER B 242 -23.58 -9.67 -15.43
C SER B 242 -22.50 -8.89 -14.69
N PRO B 243 -22.20 -9.31 -13.47
CA PRO B 243 -21.20 -8.61 -12.64
C PRO B 243 -19.80 -8.62 -13.26
N PHE B 244 -19.62 -9.38 -14.34
CA PHE B 244 -18.31 -9.48 -14.97
C PHE B 244 -18.28 -8.90 -16.38
N LEU B 245 -19.35 -8.21 -16.77
CA LEU B 245 -19.41 -7.57 -18.07
C LEU B 245 -18.36 -6.45 -18.14
N ALA B 246 -17.67 -6.35 -19.27
CA ALA B 246 -16.60 -5.37 -19.45
C ALA B 246 -17.05 -3.92 -19.27
N GLU B 247 -18.29 -3.64 -19.66
CA GLU B 247 -18.83 -2.29 -19.57
C GLU B 247 -18.70 -1.68 -18.18
N GLY B 248 -18.93 -2.50 -17.15
CA GLY B 248 -18.88 -2.02 -15.79
C GLY B 248 -17.49 -1.76 -15.25
N HIS B 249 -16.47 -2.20 -15.98
CA HIS B 249 -15.09 -2.03 -15.54
C HIS B 249 -14.25 -1.26 -16.54
N ASP B 250 -14.08 -1.83 -17.74
CA ASP B 250 -13.29 -1.18 -18.77
C ASP B 250 -13.77 0.25 -18.98
N ILE B 251 -15.03 0.50 -18.66
CA ILE B 251 -15.62 1.82 -18.82
C ILE B 251 -15.96 2.48 -17.49
N ALA B 252 -16.96 1.93 -16.80
CA ALA B 252 -17.44 2.48 -15.54
C ALA B 252 -16.35 2.66 -14.48
N ARG B 253 -15.58 1.60 -14.22
CA ARG B 253 -14.51 1.66 -13.23
C ARG B 253 -13.19 1.18 -13.82
N PRO B 254 -12.47 2.10 -14.45
CA PRO B 254 -11.23 1.78 -15.15
C PRO B 254 -10.03 1.43 -14.26
N HIS B 255 -10.28 0.72 -13.16
CA HIS B 255 -9.21 0.26 -12.29
C HIS B 255 -8.53 -0.93 -12.94
N GLU B 256 -7.24 -0.80 -13.22
CA GLU B 256 -6.50 -1.85 -13.89
C GLU B 256 -6.84 -3.24 -13.34
N GLY B 257 -6.46 -3.47 -12.08
CA GLY B 257 -6.71 -4.75 -11.44
C GLY B 257 -8.14 -5.23 -11.61
N GLN B 258 -9.09 -4.32 -11.47
CA GLN B 258 -10.51 -4.67 -11.60
C GLN B 258 -10.83 -5.20 -13.00
N ILE B 259 -10.27 -4.55 -14.01
CA ILE B 259 -10.50 -4.95 -15.39
C ILE B 259 -9.90 -6.33 -15.67
N ASP B 260 -8.71 -6.57 -15.15
CA ASP B 260 -8.04 -7.84 -15.33
C ASP B 260 -8.88 -8.98 -14.75
N THR B 261 -9.27 -8.84 -13.49
CA THR B 261 -10.07 -9.86 -12.82
C THR B 261 -11.34 -10.16 -13.61
N ALA B 262 -12.07 -9.11 -13.96
CA ALA B 262 -13.31 -9.26 -14.70
C ALA B 262 -13.08 -10.03 -16.01
N ALA B 263 -12.02 -9.68 -16.71
CA ALA B 263 -11.67 -10.33 -17.97
C ALA B 263 -11.31 -11.80 -17.72
N ASN B 264 -10.55 -12.04 -16.67
CA ASN B 264 -10.14 -13.39 -16.32
C ASN B 264 -11.34 -14.26 -15.97
N MET B 265 -12.33 -13.68 -15.32
CA MET B 265 -13.53 -14.40 -14.94
C MET B 265 -14.39 -14.69 -16.16
N ARG B 266 -14.51 -13.70 -17.04
CA ARG B 266 -15.31 -13.85 -18.26
C ARG B 266 -14.81 -15.02 -19.09
N ALA B 267 -13.49 -15.13 -19.23
CA ALA B 267 -12.88 -16.19 -20.02
C ALA B 267 -12.99 -17.54 -19.31
N LEU B 268 -12.74 -17.53 -18.01
CA LEU B 268 -12.80 -18.74 -17.21
C LEU B 268 -14.17 -19.41 -17.28
N MET B 269 -15.21 -18.60 -17.41
CA MET B 269 -16.57 -19.11 -17.45
C MET B 269 -17.12 -19.20 -18.88
N ARG B 270 -16.21 -19.15 -19.86
CA ARG B 270 -16.61 -19.23 -21.26
C ARG B 270 -17.03 -20.65 -21.61
N GLY B 271 -18.24 -20.78 -22.14
CA GLY B 271 -18.77 -22.08 -22.54
C GLY B 271 -19.37 -22.87 -21.40
N SER B 272 -20.11 -22.18 -20.53
CA SER B 272 -20.75 -22.83 -19.40
C SER B 272 -22.27 -22.86 -19.58
N GLY B 273 -22.87 -23.98 -19.23
CA GLY B 273 -24.31 -24.14 -19.33
C GLY B 273 -24.98 -23.96 -17.99
N LEU B 274 -24.19 -23.58 -16.98
CA LEU B 274 -24.69 -23.37 -15.63
C LEU B 274 -24.96 -21.90 -15.36
N THR B 275 -23.99 -21.05 -15.68
CA THR B 275 -24.14 -19.62 -15.45
C THR B 275 -25.30 -19.04 -16.23
N VAL B 276 -25.92 -18.00 -15.67
CA VAL B 276 -27.04 -17.35 -16.32
C VAL B 276 -26.77 -15.86 -16.51
N GLU B 277 -27.43 -15.25 -17.48
CA GLU B 277 -27.26 -13.83 -17.75
C GLU B 277 -28.44 -13.02 -17.22
N HIS B 278 -28.16 -11.77 -16.87
CA HIS B 278 -29.19 -10.88 -16.34
C HIS B 278 -30.47 -10.95 -17.16
N ALA B 279 -30.33 -10.88 -18.48
CA ALA B 279 -31.48 -10.91 -19.38
C ALA B 279 -32.36 -12.13 -19.13
N ASP B 280 -31.81 -13.12 -18.43
CA ASP B 280 -32.55 -14.33 -18.12
C ASP B 280 -33.22 -14.22 -16.75
N LEU B 281 -32.50 -13.65 -15.81
CA LEU B 281 -33.02 -13.47 -14.45
C LEU B 281 -34.23 -12.53 -14.47
N ARG B 282 -34.11 -11.42 -15.18
CA ARG B 282 -35.19 -10.45 -15.27
C ARG B 282 -36.37 -11.05 -16.04
N ARG B 283 -36.06 -11.89 -17.02
CA ARG B 283 -37.08 -12.58 -17.80
C ARG B 283 -37.82 -13.57 -16.91
N GLU B 284 -37.06 -14.28 -16.08
CA GLU B 284 -37.63 -15.28 -15.19
C GLU B 284 -38.34 -14.63 -14.00
N LEU B 285 -37.91 -13.41 -13.67
CA LEU B 285 -38.50 -12.67 -12.56
C LEU B 285 -39.81 -12.03 -12.98
N GLN B 286 -39.79 -11.31 -14.11
CA GLN B 286 -40.98 -10.65 -14.62
C GLN B 286 -42.10 -11.66 -14.86
N LYS B 287 -41.73 -12.93 -14.93
CA LYS B 287 -42.70 -13.99 -15.17
C LYS B 287 -43.22 -14.57 -13.85
N ASP B 288 -42.39 -14.51 -12.81
CA ASP B 288 -42.78 -15.00 -11.50
C ASP B 288 -43.77 -14.05 -10.84
N LYS B 289 -43.65 -12.77 -11.20
CA LYS B 289 -44.54 -11.75 -10.66
C LYS B 289 -45.95 -11.94 -11.22
N GLU B 290 -46.20 -13.11 -11.81
CA GLU B 290 -47.48 -13.43 -12.39
C GLU B 290 -48.64 -13.11 -11.45
N ALA B 291 -48.31 -12.94 -10.17
CA ALA B 291 -49.30 -12.62 -9.17
C ALA B 291 -49.95 -11.33 -9.62
N GLY B 292 -51.20 -11.20 -9.13
CA GLY B 292 -52.10 -10.09 -9.36
C GLY B 292 -51.39 -8.79 -9.33
N LYS B 293 -50.78 -8.44 -8.17
CA LYS B 293 -50.06 -7.17 -7.92
C LYS B 293 -49.30 -6.97 -6.56
N ASP B 294 -48.74 -5.77 -6.41
CA ASP B 294 -48.02 -5.17 -5.34
C ASP B 294 -46.68 -5.58 -4.76
N VAL B 295 -46.61 -5.82 -3.45
CA VAL B 295 -45.39 -6.36 -2.87
C VAL B 295 -45.43 -7.87 -3.18
N GLN B 296 -44.52 -8.32 -4.05
CA GLN B 296 -44.43 -9.72 -4.46
C GLN B 296 -43.14 -10.28 -3.83
N ARG B 297 -43.25 -11.46 -3.22
CA ARG B 297 -42.11 -12.17 -2.61
C ARG B 297 -41.70 -13.30 -3.56
N SER B 298 -40.48 -13.22 -4.06
CA SER B 298 -39.98 -14.14 -5.09
C SER B 298 -38.79 -14.94 -4.59
N GLU B 299 -38.64 -16.15 -5.12
CA GLU B 299 -37.55 -17.03 -4.74
C GLU B 299 -36.32 -16.80 -5.62
N ILE B 300 -36.47 -15.91 -6.60
CA ILE B 300 -35.36 -15.63 -7.51
C ILE B 300 -34.63 -14.35 -7.12
N TYR B 301 -33.30 -14.40 -7.17
CA TYR B 301 -32.46 -13.27 -6.81
C TYR B 301 -31.89 -12.61 -8.04
N LEU B 302 -32.31 -11.38 -8.30
CA LEU B 302 -31.83 -10.63 -9.46
C LEU B 302 -30.32 -10.52 -9.44
N GLN B 303 -29.74 -10.70 -8.26
CA GLN B 303 -28.29 -10.65 -8.09
C GLN B 303 -27.84 -11.71 -7.10
N LYS B 304 -26.60 -11.60 -6.63
CA LYS B 304 -26.06 -12.54 -5.66
C LYS B 304 -25.23 -11.77 -4.63
N ALA B 305 -24.93 -12.42 -3.51
CA ALA B 305 -24.16 -11.81 -2.45
C ALA B 305 -22.80 -11.31 -2.94
N TYR B 306 -22.28 -10.29 -2.27
CA TYR B 306 -21.00 -9.70 -2.65
C TYR B 306 -19.89 -10.70 -2.96
N SER B 307 -19.87 -11.81 -2.22
CA SER B 307 -18.85 -12.83 -2.40
C SER B 307 -18.83 -13.36 -3.83
N LEU B 308 -19.96 -13.25 -4.52
CA LEU B 308 -20.06 -13.73 -5.90
C LEU B 308 -20.53 -12.63 -6.85
N ARG B 309 -20.32 -11.39 -6.46
CA ARG B 309 -20.74 -10.25 -7.26
C ARG B 309 -19.63 -9.21 -7.39
N ALA B 310 -18.99 -8.90 -6.27
CA ALA B 310 -17.91 -7.92 -6.24
C ALA B 310 -16.53 -8.55 -6.32
N ILE B 311 -16.42 -9.65 -7.05
CA ILE B 311 -15.15 -10.34 -7.20
C ILE B 311 -14.13 -9.45 -7.91
N PRO B 312 -14.55 -8.81 -8.98
CA PRO B 312 -13.67 -7.93 -9.77
C PRO B 312 -13.10 -6.79 -8.92
N GLN B 313 -13.95 -6.17 -8.13
CA GLN B 313 -13.55 -5.06 -7.28
C GLN B 313 -12.56 -5.46 -6.18
N VAL B 314 -12.91 -6.50 -5.43
CA VAL B 314 -12.06 -6.96 -4.33
C VAL B 314 -10.74 -7.55 -4.82
N VAL B 315 -10.82 -8.60 -5.63
CA VAL B 315 -9.61 -9.22 -6.16
C VAL B 315 -8.87 -8.25 -7.08
N GLY B 316 -9.62 -7.29 -7.62
CA GLY B 316 -9.04 -6.28 -8.47
C GLY B 316 -8.16 -5.33 -7.69
N ALA B 317 -8.61 -4.96 -6.49
CA ALA B 317 -7.84 -4.10 -5.61
C ALA B 317 -6.60 -4.83 -5.12
N VAL B 318 -6.75 -6.13 -4.92
CA VAL B 318 -5.63 -6.97 -4.49
C VAL B 318 -4.58 -6.99 -5.59
N ARG B 319 -5.04 -7.08 -6.83
CA ARG B 319 -4.14 -7.11 -7.99
C ARG B 319 -3.32 -5.83 -8.07
N ASP B 320 -3.98 -4.69 -7.91
CA ASP B 320 -3.31 -3.40 -7.96
C ASP B 320 -2.15 -3.37 -6.97
N THR B 321 -2.45 -3.67 -5.71
CA THR B 321 -1.42 -3.70 -4.69
C THR B 321 -0.25 -4.55 -5.14
N LEU B 322 -0.56 -5.73 -5.67
CA LEU B 322 0.46 -6.65 -6.15
C LEU B 322 1.28 -6.04 -7.28
N TYR B 323 0.62 -5.32 -8.18
CA TYR B 323 1.31 -4.67 -9.28
C TYR B 323 2.27 -3.62 -8.75
N HIS B 324 1.80 -2.80 -7.81
CA HIS B 324 2.63 -1.77 -7.21
C HIS B 324 3.84 -2.38 -6.54
N ALA B 325 3.65 -3.56 -5.93
CA ALA B 325 4.73 -4.26 -5.26
C ALA B 325 5.76 -4.78 -6.25
N ARG B 326 5.27 -5.41 -7.32
CA ARG B 326 6.15 -5.94 -8.35
C ARG B 326 6.97 -4.82 -8.96
N HIS B 327 6.32 -3.67 -9.17
CA HIS B 327 6.99 -2.51 -9.73
C HIS B 327 8.17 -2.10 -8.86
N LYS B 328 7.90 -1.83 -7.58
CA LYS B 328 8.94 -1.44 -6.64
C LYS B 328 10.00 -2.53 -6.56
N LEU B 329 9.55 -3.77 -6.46
CA LEU B 329 10.46 -4.91 -6.37
C LEU B 329 11.35 -4.96 -7.60
N ARG B 330 10.78 -4.65 -8.76
CA ARG B 330 11.53 -4.64 -10.00
C ARG B 330 12.61 -3.57 -9.94
N ILE B 331 12.20 -2.36 -9.61
CA ILE B 331 13.12 -1.23 -9.49
C ILE B 331 14.24 -1.53 -8.50
N GLU B 332 13.85 -2.03 -7.32
CA GLU B 332 14.83 -2.34 -6.28
C GLU B 332 15.83 -3.40 -6.72
N LEU B 333 15.32 -4.47 -7.32
CA LEU B 333 16.17 -5.55 -7.81
C LEU B 333 17.29 -4.97 -8.67
N ASN B 334 16.91 -4.08 -9.58
CA ASN B 334 17.87 -3.44 -10.48
C ASN B 334 18.28 -2.07 -9.94
N SER B 335 18.79 -2.06 -8.72
CA SER B 335 19.23 -0.83 -8.07
C SER B 335 20.41 -1.15 -7.17
N ALA B 336 21.32 -0.20 -7.03
CA ALA B 336 22.50 -0.38 -6.21
C ALA B 336 22.21 -0.10 -4.74
N ASN B 337 21.36 -0.93 -4.14
CA ASN B 337 21.05 -0.79 -2.73
C ASN B 337 22.35 -1.14 -2.01
N ASP B 338 23.11 -0.11 -1.66
CA ASP B 338 24.39 -0.29 -1.00
C ASP B 338 24.97 1.07 -0.64
N ASN B 339 26.05 1.07 0.14
CA ASN B 339 26.68 2.31 0.59
C ASN B 339 28.04 2.01 1.19
N PRO B 340 29.05 2.80 0.83
CA PRO B 340 28.86 3.91 -0.12
C PRO B 340 28.92 3.42 -1.56
N LEU B 341 28.60 4.30 -2.50
CA LEU B 341 28.60 3.94 -3.92
C LEU B 341 29.65 4.71 -4.70
N PHE B 342 30.25 4.05 -5.68
CA PHE B 342 31.27 4.67 -6.52
C PHE B 342 30.69 5.12 -7.85
N PHE B 343 31.14 6.28 -8.32
CA PHE B 343 30.68 6.82 -9.59
C PHE B 343 31.84 7.48 -10.34
N GLU B 344 32.19 6.90 -11.48
CA GLU B 344 33.31 7.40 -12.29
C GLU B 344 33.31 8.93 -12.38
N GLY B 345 34.44 9.53 -12.02
CA GLY B 345 34.58 10.98 -12.08
C GLY B 345 33.69 11.68 -11.08
N LYS B 346 33.53 11.09 -9.91
CA LYS B 346 32.69 11.66 -8.87
C LYS B 346 33.21 11.24 -7.49
N GLU B 347 32.83 12.00 -6.47
CA GLU B 347 33.20 11.66 -5.10
C GLU B 347 32.37 10.46 -4.68
N ILE B 348 32.94 9.59 -3.86
CA ILE B 348 32.22 8.41 -3.40
C ILE B 348 30.90 8.83 -2.76
N PHE B 349 29.80 8.25 -3.25
CA PHE B 349 28.47 8.59 -2.74
C PHE B 349 28.25 8.06 -1.33
N HIS B 350 27.91 8.95 -0.41
CA HIS B 350 27.65 8.56 0.97
C HIS B 350 26.20 8.86 1.36
N GLY B 351 25.33 7.90 1.12
CA GLY B 351 23.92 8.06 1.43
C GLY B 351 23.33 6.89 2.20
N ALA B 352 22.07 6.56 1.90
CA ALA B 352 21.39 5.47 2.58
C ALA B 352 20.51 4.68 1.62
N ASN B 353 21.14 4.04 0.65
CA ASN B 353 20.40 3.25 -0.33
C ASN B 353 20.19 1.82 0.18
N PHE B 354 20.73 1.54 1.35
CA PHE B 354 20.57 0.26 2.00
C PHE B 354 19.21 0.21 2.70
N HIS B 355 18.64 1.39 2.93
CA HIS B 355 17.33 1.52 3.57
C HIS B 355 16.24 0.90 2.71
N GLY B 356 15.54 -0.09 3.24
CA GLY B 356 14.50 -0.78 2.49
C GLY B 356 13.09 -0.32 2.76
N GLN B 357 12.91 0.98 2.98
CA GLN B 357 11.60 1.54 3.25
C GLN B 357 10.60 1.26 2.12
N PRO B 358 11.02 1.51 0.89
CA PRO B 358 10.16 1.29 -0.27
C PRO B 358 9.65 -0.15 -0.34
N ILE B 359 10.53 -1.11 -0.08
CA ILE B 359 10.15 -2.52 -0.11
C ILE B 359 9.38 -2.89 1.15
N ALA B 360 9.74 -2.25 2.25
CA ALA B 360 9.07 -2.49 3.53
C ALA B 360 7.61 -2.10 3.41
N PHE B 361 7.36 -0.94 2.82
CA PHE B 361 6.01 -0.44 2.62
C PHE B 361 5.25 -1.35 1.65
N ALA B 362 5.94 -1.78 0.60
CA ALA B 362 5.35 -2.65 -0.41
C ALA B 362 4.85 -3.96 0.17
N MET B 363 5.75 -4.67 0.86
CA MET B 363 5.41 -5.96 1.46
C MET B 363 4.29 -5.83 2.48
N ASP B 364 4.32 -4.75 3.26
CA ASP B 364 3.28 -4.48 4.24
C ASP B 364 1.93 -4.40 3.54
N PHE B 365 1.92 -3.83 2.34
CA PHE B 365 0.70 -3.64 1.58
C PHE B 365 0.22 -4.97 0.99
N VAL B 366 1.16 -5.85 0.69
CA VAL B 366 0.84 -7.16 0.16
C VAL B 366 0.19 -8.00 1.26
N THR B 367 0.70 -7.84 2.47
CA THR B 367 0.16 -8.53 3.63
C THR B 367 -1.32 -8.19 3.78
N ILE B 368 -1.61 -6.89 3.75
CA ILE B 368 -2.98 -6.41 3.88
C ILE B 368 -3.83 -6.89 2.71
N ALA B 369 -3.34 -6.66 1.50
CA ALA B 369 -4.06 -7.06 0.29
C ALA B 369 -4.38 -8.55 0.30
N LEU B 370 -3.39 -9.36 0.66
CA LEU B 370 -3.56 -10.81 0.69
C LEU B 370 -4.57 -11.24 1.76
N THR B 371 -4.59 -10.52 2.88
CA THR B 371 -5.51 -10.83 3.96
C THR B 371 -6.95 -10.73 3.47
N GLN B 372 -7.23 -9.68 2.71
CA GLN B 372 -8.57 -9.45 2.16
C GLN B 372 -8.92 -10.49 1.10
N LEU B 373 -7.92 -10.98 0.38
CA LEU B 373 -8.14 -12.01 -0.61
C LEU B 373 -8.67 -13.25 0.12
N GLY B 374 -8.10 -13.52 1.29
CA GLY B 374 -8.50 -14.65 2.10
C GLY B 374 -9.88 -14.44 2.72
N VAL B 375 -10.18 -13.19 3.07
CA VAL B 375 -11.48 -12.85 3.63
C VAL B 375 -12.57 -13.24 2.63
N LEU B 376 -12.35 -12.85 1.37
CA LEU B 376 -13.30 -13.14 0.30
C LEU B 376 -13.53 -14.64 0.12
N ALA B 377 -12.44 -15.39 -0.01
CA ALA B 377 -12.52 -16.83 -0.20
C ALA B 377 -13.27 -17.52 0.95
N GLU B 378 -12.95 -17.11 2.17
CA GLU B 378 -13.59 -17.68 3.36
C GLU B 378 -15.11 -17.49 3.31
N ARG B 379 -15.53 -16.28 2.98
CA ARG B 379 -16.96 -15.99 2.90
C ARG B 379 -17.63 -16.73 1.76
N GLN B 380 -16.86 -17.04 0.72
CA GLN B 380 -17.39 -17.80 -0.41
C GLN B 380 -17.62 -19.25 0.02
N ILE B 381 -16.73 -19.75 0.86
CA ILE B 381 -16.86 -21.10 1.40
C ILE B 381 -18.08 -21.17 2.29
N ASN B 382 -18.20 -20.19 3.18
CA ASN B 382 -19.33 -20.11 4.09
C ASN B 382 -20.64 -20.06 3.32
N ARG B 383 -20.58 -19.52 2.11
CA ARG B 383 -21.76 -19.40 1.26
C ARG B 383 -22.32 -20.76 0.85
N VAL B 384 -21.49 -21.58 0.21
CA VAL B 384 -21.93 -22.88 -0.27
C VAL B 384 -22.29 -23.83 0.86
N LEU B 385 -21.71 -23.60 2.04
CA LEU B 385 -21.95 -24.44 3.19
C LEU B 385 -23.22 -24.04 3.94
N ASN B 386 -23.74 -22.85 3.62
CA ASN B 386 -24.95 -22.35 4.26
C ASN B 386 -26.20 -22.61 3.44
N ARG B 387 -27.01 -23.57 3.89
CA ARG B 387 -28.23 -23.93 3.19
C ARG B 387 -29.06 -22.70 2.82
N HIS B 388 -29.00 -21.67 3.66
CA HIS B 388 -29.76 -20.46 3.43
C HIS B 388 -29.11 -19.55 2.37
N LEU B 389 -27.86 -19.83 2.03
CA LEU B 389 -27.14 -19.00 1.07
C LEU B 389 -26.50 -19.80 -0.08
N SER B 390 -26.69 -21.13 -0.01
CA SER B 390 -26.13 -22.05 -1.00
C SER B 390 -26.99 -22.14 -2.27
N TYR B 391 -28.12 -21.37 -2.28
CA TYR B 391 -29.04 -21.38 -3.43
C TYR B 391 -29.64 -22.75 -3.76
N GLY B 392 -29.93 -23.56 -2.75
CA GLY B 392 -30.49 -24.89 -2.90
C GLY B 392 -29.62 -26.11 -2.66
N LEU B 393 -28.37 -25.90 -2.25
CA LEU B 393 -27.51 -27.03 -1.93
C LEU B 393 -27.71 -27.55 -0.52
N PRO B 394 -27.55 -28.86 -0.34
CA PRO B 394 -27.69 -29.47 0.98
C PRO B 394 -26.85 -28.72 1.99
N GLU B 395 -27.30 -28.63 3.23
CA GLU B 395 -26.57 -27.89 4.23
C GLU B 395 -25.20 -28.53 4.42
N PHE B 396 -24.15 -27.71 4.30
CA PHE B 396 -22.79 -28.16 4.47
C PHE B 396 -22.31 -29.17 3.44
N LEU B 397 -22.99 -29.20 2.29
CA LEU B 397 -22.61 -30.10 1.20
C LEU B 397 -22.62 -31.57 1.63
N VAL B 398 -23.48 -31.91 2.57
CA VAL B 398 -23.63 -33.30 2.99
C VAL B 398 -24.45 -34.06 1.95
N SER B 399 -23.88 -35.13 1.41
CA SER B 399 -24.54 -35.90 0.37
C SER B 399 -25.50 -36.94 0.94
N GLY B 400 -25.19 -37.44 2.14
CA GLY B 400 -26.01 -38.45 2.78
C GLY B 400 -27.08 -37.86 3.68
N ASP B 401 -27.11 -38.33 4.93
CA ASP B 401 -28.09 -37.86 5.90
C ASP B 401 -27.48 -36.82 6.83
N PRO B 402 -28.01 -35.60 6.78
CA PRO B 402 -27.52 -34.52 7.65
C PRO B 402 -27.62 -34.91 9.11
N GLY B 403 -26.97 -34.16 9.99
CA GLY B 403 -26.94 -34.48 11.40
C GLY B 403 -26.04 -35.67 11.66
N LEU B 404 -26.44 -36.84 11.15
CA LEU B 404 -25.61 -38.03 11.27
C LEU B 404 -24.25 -37.76 10.65
N HIS B 405 -24.25 -37.00 9.57
CA HIS B 405 -23.01 -36.60 8.90
C HIS B 405 -22.86 -35.08 8.91
N SER B 406 -21.67 -34.60 9.23
CA SER B 406 -21.41 -33.17 9.31
C SER B 406 -21.01 -32.57 7.96
N GLY B 407 -20.58 -33.43 7.05
CA GLY B 407 -20.17 -32.98 5.73
C GLY B 407 -18.90 -32.15 5.75
N PHE B 408 -19.01 -30.88 5.37
CA PHE B 408 -17.86 -29.98 5.34
C PHE B 408 -17.89 -29.01 6.53
N ALA B 409 -18.85 -29.20 7.42
CA ALA B 409 -19.01 -28.33 8.58
C ALA B 409 -17.70 -28.11 9.32
N GLY B 410 -16.97 -29.20 9.58
CA GLY B 410 -15.71 -29.11 10.29
C GLY B 410 -14.56 -28.58 9.46
N ALA B 411 -14.73 -28.61 8.14
CA ALA B 411 -13.68 -28.19 7.22
C ALA B 411 -13.62 -26.66 7.08
N GLN B 412 -14.65 -25.98 7.52
CA GLN B 412 -14.71 -24.53 7.41
C GLN B 412 -13.92 -23.80 8.49
N TYR B 413 -13.90 -24.39 9.69
CA TYR B 413 -13.28 -23.76 10.85
C TYR B 413 -11.82 -23.37 10.64
N PRO B 414 -11.03 -24.25 10.03
CA PRO B 414 -9.63 -23.94 9.75
C PRO B 414 -9.50 -22.73 8.83
N ALA B 415 -10.44 -22.60 7.90
CA ALA B 415 -10.46 -21.46 7.00
C ALA B 415 -10.88 -20.20 7.75
N THR B 416 -11.90 -20.34 8.58
CA THR B 416 -12.39 -19.23 9.39
C THR B 416 -11.34 -18.80 10.40
N ALA B 417 -10.70 -19.77 11.02
CA ALA B 417 -9.67 -19.50 12.02
C ALA B 417 -8.50 -18.75 11.38
N LEU B 418 -8.25 -19.01 10.10
CA LEU B 418 -7.13 -18.41 9.39
C LEU B 418 -7.34 -16.92 9.13
N VAL B 419 -8.55 -16.55 8.72
CA VAL B 419 -8.86 -15.15 8.48
C VAL B 419 -8.55 -14.32 9.72
N ALA B 420 -8.89 -14.87 10.89
CA ALA B 420 -8.62 -14.21 12.15
C ALA B 420 -7.12 -14.09 12.42
N GLU B 421 -6.39 -15.17 12.16
CA GLU B 421 -4.94 -15.17 12.37
C GLU B 421 -4.26 -14.16 11.47
N ASN B 422 -4.61 -14.17 10.19
CA ASN B 422 -4.05 -13.22 9.23
C ASN B 422 -4.32 -11.78 9.66
N ARG B 423 -5.41 -11.58 10.39
CA ARG B 423 -5.79 -10.24 10.84
C ARG B 423 -4.97 -9.77 12.05
N THR B 424 -4.27 -10.69 12.68
CA THR B 424 -3.46 -10.35 13.84
C THR B 424 -2.04 -9.92 13.44
N ILE B 425 -1.78 -9.91 12.14
CA ILE B 425 -0.47 -9.50 11.63
C ILE B 425 -0.49 -8.03 11.25
N GLY B 426 0.20 -7.22 12.05
CA GLY B 426 0.25 -5.79 11.82
C GLY B 426 1.48 -5.36 11.05
N PRO B 427 1.37 -4.26 10.31
CA PRO B 427 2.49 -3.74 9.52
C PRO B 427 3.73 -3.58 10.38
N ALA B 428 4.89 -3.89 9.80
CA ALA B 428 6.15 -3.82 10.52
C ALA B 428 6.99 -2.64 10.04
N SER B 429 6.65 -2.09 8.88
CA SER B 429 7.42 -1.02 8.28
C SER B 429 7.33 0.30 9.07
N THR B 430 6.45 0.34 10.05
CA THR B 430 6.30 1.53 10.89
C THR B 430 6.80 1.28 12.31
N GLN B 431 7.44 0.13 12.53
CA GLN B 431 7.84 -0.27 13.87
C GLN B 431 9.32 -0.02 14.19
N SER B 432 9.93 0.94 13.50
CA SER B 432 11.34 1.24 13.69
C SER B 432 11.73 1.39 15.15
N VAL B 433 12.91 0.89 15.49
CA VAL B 433 13.48 1.03 16.83
C VAL B 433 14.94 1.49 16.72
N PRO B 434 15.28 2.58 17.38
CA PRO B 434 16.62 3.15 17.30
C PRO B 434 17.68 2.26 17.95
N SER B 435 18.76 1.97 17.23
CA SER B 435 19.83 1.13 17.73
C SER B 435 21.20 1.62 17.28
N ASN B 436 22.25 1.03 17.83
CA ASN B 436 23.61 1.38 17.45
C ASN B 436 23.98 2.82 17.76
N GLY B 437 23.85 3.21 19.02
CA GLY B 437 24.17 4.56 19.45
C GLY B 437 23.30 5.60 18.76
N ASP B 438 22.11 5.19 18.36
CA ASP B 438 21.17 6.08 17.69
C ASP B 438 21.52 6.32 16.23
N ASN B 439 22.69 5.84 15.81
CA ASN B 439 23.11 6.01 14.43
C ASN B 439 22.03 5.52 13.47
N GLN B 440 21.30 4.50 13.89
CA GLN B 440 20.18 3.98 13.11
C GLN B 440 18.87 4.36 13.79
N ASP B 441 18.57 5.66 13.79
CA ASP B 441 17.38 6.17 14.45
C ASP B 441 16.10 5.86 13.67
N VAL B 442 16.26 5.56 12.38
CA VAL B 442 15.12 5.22 11.54
C VAL B 442 15.43 4.07 10.60
N VAL B 443 14.79 2.94 10.84
CA VAL B 443 14.94 1.75 9.99
C VAL B 443 13.60 1.37 9.38
N SER B 444 13.61 0.38 8.49
CA SER B 444 12.41 -0.01 7.76
C SER B 444 11.76 -1.28 8.28
N MET B 445 12.55 -2.19 8.81
CA MET B 445 12.02 -3.47 9.29
C MET B 445 11.40 -4.23 8.12
N GLY B 446 11.97 -4.04 6.94
CA GLY B 446 11.45 -4.63 5.71
C GLY B 446 11.38 -6.14 5.69
N LEU B 447 12.40 -6.80 6.24
CA LEU B 447 12.43 -8.25 6.25
C LEU B 447 11.24 -8.83 7.03
N ILE B 448 10.84 -8.12 8.08
CA ILE B 448 9.68 -8.54 8.87
C ILE B 448 8.40 -8.43 8.05
N SER B 449 8.30 -7.38 7.26
CA SER B 449 7.14 -7.16 6.40
C SER B 449 7.02 -8.27 5.35
N ALA B 450 8.16 -8.62 4.75
CA ALA B 450 8.19 -9.67 3.74
C ALA B 450 7.74 -11.02 4.29
N ARG B 451 8.16 -11.31 5.51
CA ARG B 451 7.81 -12.58 6.15
C ARG B 451 6.34 -12.64 6.54
N ASN B 452 5.81 -11.49 6.95
CA ASN B 452 4.39 -11.39 7.26
C ASN B 452 3.57 -11.71 6.02
N ALA B 453 3.94 -11.09 4.91
CA ALA B 453 3.27 -11.32 3.63
C ALA B 453 3.34 -12.79 3.23
N ARG B 454 4.49 -13.40 3.47
CA ARG B 454 4.68 -14.82 3.16
C ARG B 454 3.75 -15.70 3.97
N ARG B 455 3.53 -15.32 5.23
CA ARG B 455 2.66 -16.08 6.12
C ARG B 455 1.21 -16.00 5.65
N VAL B 456 0.73 -14.79 5.41
CA VAL B 456 -0.63 -14.58 4.94
C VAL B 456 -0.81 -15.31 3.60
N LEU B 457 0.20 -15.23 2.76
CA LEU B 457 0.20 -15.94 1.48
C LEU B 457 0.03 -17.44 1.73
N SER B 458 0.90 -17.99 2.58
CA SER B 458 0.85 -19.41 2.91
C SER B 458 -0.51 -19.79 3.47
N ASN B 459 -0.99 -19.00 4.41
CA ASN B 459 -2.29 -19.25 5.03
C ASN B 459 -3.42 -19.29 4.00
N ASN B 460 -3.35 -18.39 3.02
CA ASN B 460 -4.37 -18.30 1.99
C ASN B 460 -4.52 -19.59 1.19
N ASN B 461 -3.42 -20.31 1.01
CA ASN B 461 -3.45 -21.59 0.31
C ASN B 461 -4.35 -22.59 1.02
N LYS B 462 -4.25 -22.62 2.35
CA LYS B 462 -5.07 -23.52 3.15
C LYS B 462 -6.54 -23.14 3.06
N ILE B 463 -6.81 -21.85 3.02
CA ILE B 463 -8.18 -21.36 2.89
C ILE B 463 -8.73 -21.69 1.51
N LEU B 464 -7.91 -21.46 0.49
CA LEU B 464 -8.31 -21.75 -0.89
C LEU B 464 -8.46 -23.25 -1.08
N ALA B 465 -7.76 -24.03 -0.27
CA ALA B 465 -7.85 -25.47 -0.32
C ALA B 465 -9.25 -25.93 0.06
N VAL B 466 -9.80 -25.33 1.12
CA VAL B 466 -11.14 -25.65 1.57
C VAL B 466 -12.18 -25.21 0.54
N GLU B 467 -11.89 -24.10 -0.13
CA GLU B 467 -12.80 -23.57 -1.14
C GLU B 467 -12.83 -24.45 -2.39
N TYR B 468 -11.68 -24.97 -2.77
CA TYR B 468 -11.58 -25.84 -3.94
C TYR B 468 -12.32 -27.15 -3.68
N LEU B 469 -12.07 -27.74 -2.52
CA LEU B 469 -12.72 -28.99 -2.15
C LEU B 469 -14.23 -28.79 -2.05
N ALA B 470 -14.64 -27.70 -1.40
CA ALA B 470 -16.05 -27.38 -1.27
C ALA B 470 -16.71 -27.28 -2.65
N ALA B 471 -16.08 -26.52 -3.55
CA ALA B 471 -16.58 -26.36 -4.90
C ALA B 471 -16.82 -27.72 -5.55
N ALA B 472 -15.76 -28.51 -5.66
CA ALA B 472 -15.85 -29.84 -6.26
C ALA B 472 -16.99 -30.64 -5.64
N GLN B 473 -17.07 -30.62 -4.31
CA GLN B 473 -18.14 -31.30 -3.60
C GLN B 473 -19.49 -30.77 -4.07
N ALA B 474 -19.61 -29.46 -4.14
CA ALA B 474 -20.84 -28.82 -4.59
C ALA B 474 -21.24 -29.32 -5.97
N VAL B 475 -20.24 -29.51 -6.83
CA VAL B 475 -20.48 -29.99 -8.19
C VAL B 475 -21.10 -31.38 -8.18
N ASP B 476 -20.58 -32.27 -7.34
CA ASP B 476 -21.09 -33.62 -7.23
C ASP B 476 -22.49 -33.63 -6.63
N ILE B 477 -22.65 -32.93 -5.52
CA ILE B 477 -23.94 -32.84 -4.85
C ILE B 477 -25.04 -32.41 -5.81
N SER B 478 -24.79 -31.33 -6.54
CA SER B 478 -25.77 -30.79 -7.48
C SER B 478 -25.81 -31.60 -8.77
N GLY B 479 -24.79 -32.42 -8.99
CA GLY B 479 -24.70 -33.21 -10.20
C GLY B 479 -24.72 -32.35 -11.44
N ARG B 480 -24.00 -31.24 -11.40
CA ARG B 480 -23.97 -30.31 -12.53
C ARG B 480 -22.62 -30.33 -13.24
N PHE B 481 -21.96 -31.49 -13.24
CA PHE B 481 -20.65 -31.61 -13.86
C PHE B 481 -20.72 -31.43 -15.38
N ASP B 482 -21.73 -32.02 -16.00
CA ASP B 482 -21.91 -31.92 -17.44
C ASP B 482 -22.28 -30.49 -17.84
N GLY B 483 -22.63 -29.69 -16.86
CA GLY B 483 -22.99 -28.29 -17.10
C GLY B 483 -21.83 -27.36 -16.91
N LEU B 484 -20.74 -27.87 -16.36
CA LEU B 484 -19.54 -27.07 -16.12
C LEU B 484 -18.93 -26.60 -17.44
N SER B 485 -18.26 -25.46 -17.39
CA SER B 485 -17.57 -24.92 -18.56
C SER B 485 -16.28 -25.70 -18.81
N PRO B 486 -15.59 -25.35 -19.88
CA PRO B 486 -14.33 -26.02 -20.22
C PRO B 486 -13.29 -25.86 -19.12
N ALA B 487 -13.13 -24.64 -18.63
CA ALA B 487 -12.18 -24.38 -17.56
C ALA B 487 -12.66 -24.99 -16.24
N ALA B 488 -13.96 -24.89 -15.99
CA ALA B 488 -14.56 -25.45 -14.79
C ALA B 488 -14.28 -26.95 -14.69
N LYS B 489 -14.47 -27.64 -15.80
CA LYS B 489 -14.25 -29.09 -15.85
C LYS B 489 -12.81 -29.43 -15.49
N ALA B 490 -11.87 -28.63 -15.99
CA ALA B 490 -10.46 -28.83 -15.71
C ALA B 490 -10.19 -28.65 -14.22
N THR B 491 -10.71 -27.58 -13.65
CA THR B 491 -10.55 -27.31 -12.22
C THR B 491 -11.11 -28.47 -11.42
N TYR B 492 -12.36 -28.84 -11.71
CA TYR B 492 -13.00 -29.93 -11.00
C TYR B 492 -12.15 -31.20 -11.03
N GLU B 493 -11.76 -31.61 -12.23
CA GLU B 493 -10.95 -32.82 -12.40
C GLU B 493 -9.60 -32.71 -11.70
N ALA B 494 -9.01 -31.51 -11.74
CA ALA B 494 -7.73 -31.27 -11.09
C ALA B 494 -7.83 -31.55 -9.59
N VAL B 495 -8.99 -31.25 -9.02
CA VAL B 495 -9.23 -31.47 -7.61
C VAL B 495 -9.61 -32.92 -7.34
N ARG B 496 -10.52 -33.45 -8.17
CA ARG B 496 -10.99 -34.82 -8.02
C ARG B 496 -9.86 -35.82 -8.16
N ARG B 497 -8.81 -35.43 -8.89
CA ARG B 497 -7.66 -36.29 -9.09
C ARG B 497 -6.84 -36.41 -7.80
N LEU B 498 -6.89 -35.36 -6.98
CA LEU B 498 -6.17 -35.35 -5.71
C LEU B 498 -7.03 -35.87 -4.57
N VAL B 499 -8.30 -35.46 -4.55
CA VAL B 499 -9.21 -35.87 -3.50
C VAL B 499 -10.55 -36.32 -4.08
N PRO B 500 -11.02 -37.48 -3.64
CA PRO B 500 -12.30 -38.02 -4.11
C PRO B 500 -13.48 -37.27 -3.49
N THR B 501 -14.66 -37.45 -4.08
CA THR B 501 -15.87 -36.83 -3.55
C THR B 501 -16.11 -37.29 -2.12
N LEU B 502 -16.65 -36.41 -1.30
CA LEU B 502 -16.97 -36.75 0.08
C LEU B 502 -18.34 -37.41 0.16
N GLY B 503 -18.35 -38.73 0.29
CA GLY B 503 -19.58 -39.48 0.43
C GLY B 503 -20.02 -39.51 1.88
N VAL B 504 -19.23 -40.17 2.71
CA VAL B 504 -19.49 -40.24 4.15
C VAL B 504 -18.43 -39.42 4.88
N ASP B 505 -18.78 -38.93 6.06
CA ASP B 505 -17.83 -38.15 6.85
C ASP B 505 -16.49 -38.86 6.93
N ARG B 506 -15.40 -38.10 6.94
CA ARG B 506 -14.08 -38.70 7.01
C ARG B 506 -12.98 -37.69 7.31
N TYR B 507 -11.84 -38.21 7.77
CA TYR B 507 -10.68 -37.40 8.08
C TYR B 507 -10.42 -36.41 6.95
N MET B 508 -10.41 -35.13 7.27
CA MET B 508 -10.25 -34.08 6.25
C MET B 508 -8.86 -33.45 6.25
N ALA B 509 -8.21 -33.45 7.41
CA ALA B 509 -6.90 -32.82 7.56
C ALA B 509 -5.99 -33.07 6.36
N ASP B 510 -5.79 -34.33 6.03
CA ASP B 510 -4.90 -34.70 4.92
C ASP B 510 -5.42 -34.20 3.59
N ASP B 511 -6.74 -34.25 3.39
CA ASP B 511 -7.34 -33.79 2.15
C ASP B 511 -7.03 -32.31 1.89
N ILE B 512 -7.16 -31.48 2.91
CA ILE B 512 -6.92 -30.05 2.77
C ILE B 512 -5.44 -29.72 2.58
N GLU B 513 -4.58 -30.44 3.30
CA GLU B 513 -3.14 -30.23 3.17
C GLU B 513 -2.66 -30.63 1.78
N LEU B 514 -3.34 -31.61 1.19
CA LEU B 514 -2.99 -32.09 -0.14
C LEU B 514 -3.25 -31.02 -1.21
N VAL B 515 -4.40 -30.39 -1.12
CA VAL B 515 -4.78 -29.36 -2.09
C VAL B 515 -4.02 -28.07 -1.82
N ALA B 516 -3.79 -27.77 -0.54
CA ALA B 516 -3.02 -26.59 -0.17
C ALA B 516 -1.64 -26.65 -0.81
N ASP B 517 -1.06 -27.84 -0.84
CA ASP B 517 0.24 -28.05 -1.46
C ASP B 517 0.16 -27.82 -2.96
N ALA B 518 -0.88 -28.38 -3.58
CA ALA B 518 -1.09 -28.22 -5.01
C ALA B 518 -1.19 -26.74 -5.36
N LEU B 519 -2.04 -26.02 -4.65
CA LEU B 519 -2.21 -24.59 -4.88
C LEU B 519 -0.87 -23.87 -4.73
N SER B 520 -0.04 -24.36 -3.81
CA SER B 520 1.27 -23.79 -3.57
C SER B 520 2.17 -23.91 -4.80
N ARG B 521 2.07 -25.04 -5.49
CA ARG B 521 2.86 -25.27 -6.70
C ARG B 521 2.14 -24.77 -7.94
N GLY B 522 1.16 -23.90 -7.74
CA GLY B 522 0.38 -23.37 -8.85
C GLY B 522 -0.16 -24.46 -9.74
N GLU B 523 -0.54 -25.57 -9.12
CA GLU B 523 -1.02 -26.75 -9.85
C GLU B 523 -2.35 -26.53 -10.56
N PHE B 524 -3.17 -25.64 -10.01
CA PHE B 524 -4.47 -25.37 -10.59
C PHE B 524 -4.38 -24.37 -11.73
N LEU B 525 -3.47 -23.41 -11.59
CA LEU B 525 -3.22 -22.45 -12.65
C LEU B 525 -2.63 -23.17 -13.85
N ARG B 526 -1.95 -24.28 -13.57
CA ARG B 526 -1.36 -25.12 -14.60
C ARG B 526 -2.44 -25.87 -15.38
N ALA B 527 -3.17 -26.74 -14.67
CA ALA B 527 -4.23 -27.52 -15.28
C ALA B 527 -5.08 -26.68 -16.23
N ILE B 528 -5.10 -25.37 -16.00
CA ILE B 528 -5.91 -24.47 -16.81
C ILE B 528 -5.22 -24.13 -18.13
N ALA B 529 -3.90 -24.03 -18.09
CA ALA B 529 -3.13 -23.69 -19.28
C ALA B 529 -3.01 -24.87 -20.23
N ARG B 530 -2.84 -26.07 -19.66
CA ARG B 530 -2.64 -27.27 -20.47
C ARG B 530 -3.94 -27.98 -20.84
N GLU B 531 -5.03 -27.58 -20.19
CA GLU B 531 -6.32 -28.22 -20.44
C GLU B 531 -7.28 -27.30 -21.20
N THR B 532 -6.88 -26.06 -21.39
CA THR B 532 -7.73 -25.08 -22.08
C THR B 532 -6.89 -24.14 -22.93
N ASP B 533 -7.57 -23.34 -23.76
CA ASP B 533 -6.90 -22.35 -24.59
C ASP B 533 -6.93 -21.01 -23.88
N ILE B 534 -7.21 -21.05 -22.58
CA ILE B 534 -7.36 -19.83 -21.78
C ILE B 534 -6.02 -19.22 -21.38
N GLN B 535 -5.89 -17.92 -21.58
CA GLN B 535 -4.70 -17.19 -21.18
C GLN B 535 -5.04 -16.31 -19.99
N LEU B 536 -4.46 -16.63 -18.84
CA LEU B 536 -4.79 -15.93 -17.61
C LEU B 536 -3.84 -14.76 -17.32
N ARG B 537 -4.43 -13.60 -17.06
CA ARG B 537 -3.70 -12.41 -16.66
C ARG B 537 -3.19 -12.54 -15.23
#